data_4JVO
#
_entry.id   4JVO
#
_cell.length_a   118.865
_cell.length_b   118.865
_cell.length_c   55.848
_cell.angle_alpha   90.00
_cell.angle_beta   90.00
_cell.angle_gamma   90.00
#
_symmetry.space_group_name_H-M   'P 43'
#
loop_
_entity.id
_entity.type
_entity.pdbx_description
1 polymer 'Microcin immunity protein MccF'
2 non-polymer "'5'-O-(N-(L-ALANYL)-SULFAMOYL)ADENOSINE"
3 non-polymer GLYCEROL
4 water water
#
_entity_poly.entity_id   1
_entity_poly.type   'polypeptide(L)'
_entity_poly.pdbx_seq_one_letter_code
;SNAMPLPKSLKYGDTIGIYSPSSPVTYTSPKRFERAKSYLLQKGFHILEGSLTGRYDYYRSGSIQERAKELNALIRNPNV
SCIMSTIGGMNSNSLLPYIDYDAFQNNPKIMIGYADATALLLGIYAKTGIPTFYGPALVPSFGEFEPFVDDTYKYFLETL
LHDQALPYNIKQPLFWSDEFINWEEKTKEKELRPNNWISVTNGQATGRVIGGNLNTIQGIWGSPYMPCIQEGDILFIEDS
SKDAATIERSFSFLKINGVFDKVSGIILGKHEQFDDCGTNRKPYEILLEVLQNQRIPLLADFDCCATHPMITMPIGVQVK
MDATNKTIHILEKWKI
;
_entity_poly.pdbx_strand_id   A,B
#
loop_
_chem_comp.id
_chem_comp.type
_chem_comp.name
_chem_comp.formula
A5A non-polymer '5'-O-(N-(L-ALANYL)-SULFAMOYL)ADENOSINE 'C13 H19 N7 O7 S'
GOL non-polymer GLYCEROL 'C3 H8 O3'
#
# COMPACT_ATOMS: atom_id res chain seq x y z
N SER A 1 -20.34 -10.64 25.38
CA SER A 1 -20.45 -11.75 24.39
C SER A 1 -20.25 -13.08 25.03
N ASN A 2 -20.53 -14.15 24.28
CA ASN A 2 -20.29 -15.50 24.80
C ASN A 2 -18.82 -15.73 25.00
N ALA A 3 -18.48 -16.61 25.93
CA ALA A 3 -17.14 -17.12 26.03
C ALA A 3 -16.68 -17.72 24.71
N MET A 4 -15.41 -17.52 24.37
CA MET A 4 -14.86 -18.01 23.13
C MET A 4 -13.50 -18.59 23.34
N PRO A 5 -13.03 -19.41 22.38
CA PRO A 5 -11.69 -19.97 22.43
C PRO A 5 -10.66 -18.85 22.63
N LEU A 6 -9.66 -19.09 23.48
CA LEU A 6 -8.65 -18.01 23.71
C LEU A 6 -7.34 -18.82 23.91
N PRO A 7 -6.22 -18.13 23.66
CA PRO A 7 -4.91 -18.74 23.96
C PRO A 7 -4.63 -18.75 25.45
N LYS A 8 -3.81 -19.66 25.87
CA LYS A 8 -3.37 -19.75 27.28
C LYS A 8 -2.40 -18.56 27.56
N SER A 9 -2.53 -18.01 28.73
CA SER A 9 -1.57 -17.00 29.23
CA SER A 9 -1.60 -16.99 29.20
C SER A 9 -0.16 -17.54 29.18
N LEU A 10 0.78 -16.64 28.91
CA LEU A 10 2.17 -16.97 29.00
C LEU A 10 2.52 -17.30 30.43
N LYS A 11 3.45 -18.20 30.60
CA LYS A 11 3.99 -18.58 31.90
C LYS A 11 5.51 -18.48 31.84
N TYR A 12 6.08 -18.22 33.03
CA TYR A 12 7.55 -18.23 33.10
C TYR A 12 8.02 -19.58 32.63
N GLY A 13 9.16 -19.55 31.92
CA GLY A 13 9.71 -20.76 31.37
C GLY A 13 9.08 -21.26 30.10
N ASP A 14 8.07 -20.60 29.59
CA ASP A 14 7.47 -21.03 28.33
C ASP A 14 8.45 -20.82 27.18
N THR A 15 8.17 -21.56 26.11
CA THR A 15 8.88 -21.40 24.84
C THR A 15 8.19 -20.44 23.85
N ILE A 16 8.94 -19.44 23.47
CA ILE A 16 8.60 -18.48 22.44
C ILE A 16 9.26 -18.94 21.16
N GLY A 17 8.44 -19.18 20.15
CA GLY A 17 8.96 -19.50 18.81
C GLY A 17 9.06 -18.24 18.00
N ILE A 18 10.19 -18.10 17.32
CA ILE A 18 10.47 -16.93 16.50
C ILE A 18 10.56 -17.33 15.03
N TYR A 19 10.03 -16.46 14.19
CA TYR A 19 10.06 -16.64 12.74
C TYR A 19 10.39 -15.32 12.06
N SER A 20 10.74 -15.39 10.79
CA SER A 20 11.09 -14.23 9.99
C SER A 20 10.25 -14.23 8.72
N PRO A 21 9.08 -13.60 8.78
CA PRO A 21 8.14 -13.69 7.62
C PRO A 21 8.53 -12.72 6.50
N SER A 22 9.52 -11.86 6.74
CA SER A 22 9.89 -10.87 5.77
C SER A 22 11.39 -10.60 5.82
N SER A 23 11.83 -9.49 6.35
CA SER A 23 13.23 -9.11 6.26
C SER A 23 14.13 -10.06 7.08
N PRO A 24 15.34 -10.38 6.54
CA PRO A 24 16.22 -11.37 7.22
C PRO A 24 17.09 -10.78 8.32
N VAL A 25 16.46 -10.20 9.31
CA VAL A 25 17.16 -9.41 10.35
C VAL A 25 18.10 -10.24 11.18
N THR A 26 17.81 -11.55 11.35
CA THR A 26 18.65 -12.38 12.17
C THR A 26 20.05 -12.57 11.49
N TYR A 27 20.13 -12.38 10.20
CA TYR A 27 21.38 -12.32 9.48
C TYR A 27 22.00 -10.91 9.40
N THR A 28 21.17 -9.88 9.15
CA THR A 28 21.75 -8.58 8.91
C THR A 28 21.96 -7.70 10.13
N SER A 29 21.30 -7.97 11.27
CA SER A 29 21.56 -7.29 12.55
C SER A 29 21.82 -8.32 13.64
N PRO A 30 22.90 -9.04 13.53
CA PRO A 30 23.14 -10.14 14.44
C PRO A 30 23.32 -9.72 15.87
N LYS A 31 23.93 -8.54 16.11
CA LYS A 31 24.16 -8.12 17.51
C LYS A 31 22.87 -7.87 18.22
N ARG A 32 21.96 -7.17 17.59
CA ARG A 32 20.67 -6.83 18.20
C ARG A 32 19.86 -8.10 18.37
N PHE A 33 19.95 -9.01 17.36
CA PHE A 33 19.27 -10.29 17.50
C PHE A 33 19.78 -11.11 18.70
N GLU A 34 21.10 -11.25 18.83
CA GLU A 34 21.61 -11.98 19.97
C GLU A 34 21.26 -11.33 21.33
N ARG A 35 21.29 -9.99 21.35
CA ARG A 35 20.94 -9.29 22.56
C ARG A 35 19.48 -9.47 22.93
N ALA A 36 18.61 -9.45 21.92
CA ALA A 36 17.16 -9.69 22.17
C ALA A 36 16.91 -11.10 22.73
N LYS A 37 17.51 -12.14 22.05
CA LYS A 37 17.39 -13.50 22.60
C LYS A 37 17.89 -13.54 24.03
N SER A 38 19.06 -12.99 24.31
CA SER A 38 19.61 -13.04 25.63
C SER A 38 18.73 -12.33 26.66
N TYR A 39 18.04 -11.27 26.26
CA TYR A 39 17.16 -10.53 27.14
C TYR A 39 16.04 -11.49 27.62
N LEU A 40 15.38 -12.14 26.68
CA LEU A 40 14.26 -13.02 27.03
C LEU A 40 14.74 -14.31 27.78
N LEU A 41 15.88 -14.84 27.35
CA LEU A 41 16.39 -16.06 28.03
C LEU A 41 16.76 -15.68 29.47
N GLN A 42 17.35 -14.48 29.71
CA GLN A 42 17.71 -14.06 31.05
C GLN A 42 16.45 -13.93 31.93
N LYS A 43 15.34 -13.50 31.35
CA LYS A 43 14.08 -13.44 32.03
C LYS A 43 13.48 -14.81 32.36
N GLY A 44 14.02 -15.84 31.78
CA GLY A 44 13.57 -17.18 32.04
C GLY A 44 12.79 -17.92 30.97
N PHE A 45 12.60 -17.33 29.81
CA PHE A 45 11.89 -17.96 28.70
C PHE A 45 12.89 -18.78 27.89
N HIS A 46 12.38 -19.66 27.07
CA HIS A 46 13.13 -20.40 26.10
C HIS A 46 12.75 -19.84 24.74
N ILE A 47 13.67 -19.86 23.80
CA ILE A 47 13.41 -19.44 22.43
CA ILE A 47 13.49 -19.39 22.44
C ILE A 47 13.67 -20.62 21.51
N LEU A 48 12.66 -20.92 20.68
CA LEU A 48 12.78 -21.89 19.61
C LEU A 48 12.96 -21.08 18.32
N GLU A 49 14.15 -21.22 17.74
CA GLU A 49 14.47 -20.49 16.54
C GLU A 49 13.91 -21.14 15.33
N GLY A 50 13.08 -20.44 14.56
CA GLY A 50 12.50 -21.00 13.37
C GLY A 50 13.54 -21.35 12.34
N SER A 51 13.14 -22.15 11.39
CA SER A 51 14.04 -22.75 10.39
C SER A 51 14.78 -21.74 9.48
N LEU A 52 14.36 -20.49 9.41
CA LEU A 52 15.03 -19.47 8.54
C LEU A 52 15.92 -18.58 9.36
N THR A 53 16.09 -18.87 10.65
CA THR A 53 16.95 -18.05 11.50
C THR A 53 18.37 -18.15 10.94
N GLY A 54 19.00 -17.01 10.71
CA GLY A 54 20.37 -16.91 10.19
C GLY A 54 20.47 -17.06 8.68
N ARG A 55 19.32 -17.21 7.98
CA ARG A 55 19.36 -17.33 6.51
C ARG A 55 19.22 -15.98 5.88
N TYR A 56 19.60 -15.87 4.64
CA TYR A 56 19.60 -14.62 3.94
C TYR A 56 19.17 -14.84 2.48
N ASP A 57 18.13 -14.10 2.02
CA ASP A 57 17.71 -14.07 0.63
C ASP A 57 17.45 -12.61 0.30
N TYR A 58 18.42 -11.74 0.59
CA TYR A 58 18.45 -10.37 0.14
C TYR A 58 17.43 -9.53 0.87
N TYR A 59 16.27 -9.24 0.29
CA TYR A 59 15.24 -8.49 0.95
C TYR A 59 14.40 -9.35 1.87
N ARG A 60 14.54 -10.69 1.82
CA ARG A 60 13.67 -11.56 2.58
C ARG A 60 14.51 -12.70 3.17
N SER A 61 13.91 -13.48 4.05
CA SER A 61 14.56 -14.58 4.71
C SER A 61 14.59 -15.86 3.88
N GLY A 62 13.68 -15.98 2.90
CA GLY A 62 13.58 -17.16 2.12
C GLY A 62 12.40 -17.04 1.18
N SER A 63 12.19 -18.07 0.41
CA SER A 63 11.04 -18.11 -0.54
C SER A 63 9.73 -18.01 0.21
N ILE A 64 8.66 -17.74 -0.56
CA ILE A 64 7.32 -17.79 0.02
C ILE A 64 7.04 -19.14 0.73
N GLN A 65 7.32 -20.25 0.03
CA GLN A 65 7.11 -21.54 0.64
C GLN A 65 7.94 -21.79 1.86
N GLU A 66 9.22 -21.38 1.82
CA GLU A 66 10.07 -21.61 2.97
C GLU A 66 9.59 -20.83 4.15
N ARG A 67 9.11 -19.60 3.96
CA ARG A 67 8.66 -18.77 5.04
C ARG A 67 7.34 -19.37 5.65
N ALA A 68 6.44 -19.85 4.78
CA ALA A 68 5.22 -20.46 5.28
C ALA A 68 5.52 -21.71 6.06
N LYS A 69 6.52 -22.51 5.58
CA LYS A 69 6.96 -23.70 6.30
CA LYS A 69 6.96 -23.71 6.30
C LYS A 69 7.50 -23.34 7.68
N GLU A 70 8.31 -22.30 7.77
CA GLU A 70 8.90 -21.87 9.02
C GLU A 70 7.81 -21.57 10.04
N LEU A 71 6.82 -20.77 9.66
CA LEU A 71 5.75 -20.41 10.59
C LEU A 71 4.90 -21.62 10.93
N ASN A 72 4.56 -22.39 9.93
CA ASN A 72 3.71 -23.54 10.20
C ASN A 72 4.32 -24.52 11.18
N ALA A 73 5.62 -24.68 11.13
CA ALA A 73 6.29 -25.61 12.04
C ALA A 73 6.10 -25.15 13.50
N LEU A 74 6.09 -23.85 13.75
CA LEU A 74 5.77 -23.27 15.07
C LEU A 74 4.30 -23.46 15.47
N ILE A 75 3.40 -23.17 14.52
CA ILE A 75 1.97 -23.33 14.76
C ILE A 75 1.65 -24.76 15.18
N ARG A 76 2.28 -25.74 14.54
CA ARG A 76 2.05 -27.13 14.78
C ARG A 76 2.75 -27.71 15.96
N ASN A 77 3.55 -26.91 16.63
CA ASN A 77 4.40 -27.41 17.72
C ASN A 77 3.64 -27.21 19.07
N PRO A 78 3.20 -28.29 19.75
CA PRO A 78 2.43 -28.15 20.95
C PRO A 78 3.21 -27.53 22.12
N ASN A 79 4.53 -27.47 22.02
CA ASN A 79 5.38 -26.93 23.07
C ASN A 79 5.63 -25.46 23.02
N VAL A 80 5.16 -24.84 21.96
CA VAL A 80 5.33 -23.38 21.79
C VAL A 80 4.11 -22.66 22.30
N SER A 81 4.27 -21.68 23.19
CA SER A 81 3.16 -20.93 23.79
CA SER A 81 3.10 -20.97 23.72
C SER A 81 2.91 -19.59 23.13
N CYS A 82 3.90 -19.08 22.46
CA CYS A 82 3.87 -17.73 21.88
C CYS A 82 4.70 -17.75 20.62
N ILE A 83 4.17 -17.18 19.54
CA ILE A 83 4.84 -17.11 18.25
C ILE A 83 5.03 -15.64 17.97
N MET A 84 6.27 -15.23 17.79
CA MET A 84 6.69 -13.84 17.71
C MET A 84 7.51 -13.63 16.46
N SER A 85 7.18 -12.61 15.66
CA SER A 85 8.01 -12.29 14.52
C SER A 85 9.33 -11.71 14.98
N THR A 86 10.37 -11.91 14.22
CA THR A 86 11.65 -11.31 14.48
C THR A 86 11.72 -9.84 14.16
N ILE A 87 11.00 -9.48 13.07
CA ILE A 87 10.90 -8.13 12.51
C ILE A 87 9.92 -8.20 11.36
N GLY A 88 9.50 -7.06 10.84
CA GLY A 88 8.60 -6.97 9.67
C GLY A 88 9.41 -6.81 8.41
N GLY A 89 8.97 -5.87 7.57
CA GLY A 89 9.47 -5.69 6.22
C GLY A 89 8.31 -5.36 5.32
N MET A 90 8.07 -6.13 4.33
CA MET A 90 6.97 -5.87 3.39
CA MET A 90 7.03 -5.90 3.34
C MET A 90 6.25 -7.13 2.95
N ASN A 91 6.73 -8.36 3.24
CA ASN A 91 6.31 -9.55 2.55
C ASN A 91 5.59 -10.65 3.32
N SER A 92 5.12 -10.32 4.49
CA SER A 92 4.31 -11.29 5.23
C SER A 92 3.06 -11.72 4.51
N ASN A 93 2.44 -10.80 3.77
CA ASN A 93 1.19 -11.16 3.10
C ASN A 93 1.36 -12.33 2.13
N SER A 94 2.61 -12.57 1.63
CA SER A 94 2.81 -13.69 0.72
C SER A 94 2.45 -15.02 1.35
N LEU A 95 2.61 -15.13 2.66
CA LEU A 95 2.40 -16.41 3.38
C LEU A 95 0.97 -16.85 3.47
N LEU A 96 0.05 -15.86 3.42
CA LEU A 96 -1.33 -16.07 3.83
C LEU A 96 -2.07 -17.27 3.22
N PRO A 97 -1.93 -17.60 1.96
CA PRO A 97 -2.58 -18.76 1.45
C PRO A 97 -2.11 -20.08 2.01
N TYR A 98 -0.98 -20.06 2.67
CA TYR A 98 -0.26 -21.31 2.97
C TYR A 98 -0.17 -21.63 4.45
N ILE A 99 -0.77 -20.77 5.28
CA ILE A 99 -0.68 -20.94 6.70
CA ILE A 99 -0.68 -20.94 6.70
C ILE A 99 -1.70 -22.00 7.15
N ASP A 100 -1.32 -22.81 8.13
CA ASP A 100 -2.15 -23.85 8.68
C ASP A 100 -3.08 -23.30 9.72
N TYR A 101 -4.10 -22.63 9.27
CA TYR A 101 -5.10 -22.01 10.16
C TYR A 101 -5.82 -23.08 10.99
N ASP A 102 -6.04 -24.24 10.43
CA ASP A 102 -6.73 -25.30 11.18
C ASP A 102 -5.85 -25.73 12.35
N ALA A 103 -4.55 -25.88 12.15
CA ALA A 103 -3.68 -26.24 13.26
C ALA A 103 -3.66 -25.15 14.33
N PHE A 104 -3.72 -23.87 13.95
CA PHE A 104 -3.79 -22.82 14.90
C PHE A 104 -5.11 -22.88 15.69
N GLN A 105 -6.21 -23.11 15.02
CA GLN A 105 -7.44 -23.10 15.73
CA GLN A 105 -7.51 -23.29 15.68
C GLN A 105 -7.51 -24.39 16.65
N ASN A 106 -6.84 -25.49 16.27
CA ASN A 106 -6.89 -26.62 17.11
CA ASN A 106 -6.73 -26.71 17.10
C ASN A 106 -6.03 -26.44 18.40
N ASN A 107 -5.06 -25.54 18.36
CA ASN A 107 -4.20 -25.28 19.52
C ASN A 107 -3.76 -23.85 19.48
N PRO A 108 -4.65 -22.91 19.88
CA PRO A 108 -4.36 -21.49 19.78
C PRO A 108 -3.19 -21.12 20.65
N LYS A 109 -2.39 -20.18 20.17
CA LYS A 109 -1.19 -19.65 20.82
CA LYS A 109 -1.26 -19.65 20.90
C LYS A 109 -1.31 -18.14 20.79
N ILE A 110 -0.49 -17.48 21.60
CA ILE A 110 -0.29 -16.03 21.53
C ILE A 110 0.53 -15.72 20.28
N MET A 111 -0.04 -14.99 19.32
CA MET A 111 0.60 -14.57 18.10
CA MET A 111 0.61 -14.54 18.09
C MET A 111 0.84 -13.06 18.22
N ILE A 112 2.11 -12.64 18.18
CA ILE A 112 2.47 -11.26 18.50
C ILE A 112 3.52 -10.74 17.52
N GLY A 113 3.42 -9.45 17.23
CA GLY A 113 4.38 -8.73 16.41
C GLY A 113 3.76 -7.44 15.99
N TYR A 114 4.42 -6.75 15.07
CA TYR A 114 3.89 -5.48 14.59
C TYR A 114 4.36 -5.18 13.19
N ALA A 115 4.00 -4.01 12.68
CA ALA A 115 4.47 -3.56 11.37
C ALA A 115 3.97 -4.54 10.30
N ASP A 116 4.81 -5.02 9.41
CA ASP A 116 4.38 -5.92 8.34
C ASP A 116 3.71 -7.16 8.90
N ALA A 117 4.05 -7.61 10.11
CA ALA A 117 3.43 -8.79 10.68
C ALA A 117 1.87 -8.60 10.87
N THR A 118 1.39 -7.38 10.77
CA THR A 118 -0.02 -7.10 10.77
C THR A 118 -0.74 -8.04 9.78
N ALA A 119 -0.16 -8.33 8.62
CA ALA A 119 -0.83 -9.20 7.65
C ALA A 119 -1.21 -10.51 8.28
N LEU A 120 -0.29 -11.08 9.05
CA LEU A 120 -0.48 -12.34 9.70
C LEU A 120 -1.35 -12.28 10.93
N LEU A 121 -1.18 -11.20 11.73
CA LEU A 121 -2.00 -11.03 12.92
C LEU A 121 -3.48 -10.93 12.55
N LEU A 122 -3.76 -10.10 11.55
CA LEU A 122 -5.14 -9.94 11.07
C LEU A 122 -5.61 -11.19 10.31
N GLY A 123 -4.73 -11.82 9.53
CA GLY A 123 -5.14 -13.01 8.79
C GLY A 123 -5.53 -14.14 9.72
N ILE A 124 -4.73 -14.35 10.76
CA ILE A 124 -5.05 -15.38 11.83
CA ILE A 124 -5.11 -15.41 11.73
C ILE A 124 -6.39 -15.05 12.44
N TYR A 125 -6.57 -13.81 12.87
CA TYR A 125 -7.82 -13.45 13.48
C TYR A 125 -9.02 -13.61 12.54
N ALA A 126 -8.85 -13.20 11.27
CA ALA A 126 -9.91 -13.31 10.34
C ALA A 126 -10.30 -14.77 10.10
N LYS A 127 -9.34 -15.65 10.04
CA LYS A 127 -9.59 -17.04 9.71
C LYS A 127 -10.05 -17.87 10.91
N THR A 128 -9.64 -17.52 12.14
CA THR A 128 -9.87 -18.38 13.31
C THR A 128 -10.71 -17.70 14.37
N GLY A 129 -10.85 -16.38 14.39
CA GLY A 129 -11.53 -15.71 15.43
C GLY A 129 -10.76 -15.55 16.76
N ILE A 130 -9.54 -16.03 16.82
CA ILE A 130 -8.73 -15.89 18.00
CA ILE A 130 -8.64 -15.94 18.01
C ILE A 130 -8.02 -14.58 18.05
N PRO A 131 -8.18 -13.84 19.15
CA PRO A 131 -7.46 -12.54 19.23
C PRO A 131 -5.97 -12.76 19.03
N THR A 132 -5.35 -11.77 18.37
CA THR A 132 -3.92 -11.68 18.16
C THR A 132 -3.45 -10.37 18.75
N PHE A 133 -2.13 -10.17 18.79
CA PHE A 133 -1.54 -9.11 19.61
C PHE A 133 -0.61 -8.23 18.78
N TYR A 134 -0.91 -6.93 18.78
CA TYR A 134 -0.05 -5.93 18.20
C TYR A 134 0.90 -5.55 19.30
N GLY A 135 2.16 -5.90 19.15
CA GLY A 135 3.09 -5.84 20.23
C GLY A 135 4.47 -6.20 19.77
N PRO A 136 5.37 -6.49 20.74
CA PRO A 136 6.78 -6.67 20.43
C PRO A 136 7.06 -7.69 19.33
N ALA A 137 8.02 -7.30 18.48
CA ALA A 137 8.77 -8.18 17.63
C ALA A 137 10.15 -8.34 18.21
N LEU A 138 10.76 -9.50 18.07
CA LEU A 138 11.95 -9.83 18.90
C LEU A 138 13.04 -8.80 18.76
N VAL A 139 13.49 -8.53 17.54
CA VAL A 139 14.71 -7.75 17.35
C VAL A 139 14.51 -6.30 17.66
N PRO A 140 13.52 -5.62 17.04
CA PRO A 140 13.34 -4.20 17.34
C PRO A 140 13.00 -4.00 18.78
N SER A 141 12.12 -4.83 19.36
CA SER A 141 11.53 -4.51 20.65
C SER A 141 12.38 -4.97 21.82
N PHE A 142 12.83 -6.23 21.78
CA PHE A 142 13.59 -6.81 22.88
C PHE A 142 15.07 -6.69 22.69
N GLY A 143 15.54 -6.19 21.53
CA GLY A 143 16.97 -5.86 21.36
C GLY A 143 17.23 -4.43 21.70
N GLU A 144 16.20 -3.64 21.99
CA GLU A 144 16.42 -2.28 22.52
C GLU A 144 17.22 -2.26 23.78
N PHE A 145 18.19 -1.38 23.87
CA PHE A 145 18.93 -1.21 25.11
C PHE A 145 18.06 -0.70 26.24
N GLU A 146 18.52 -0.86 27.47
CA GLU A 146 17.92 -0.18 28.59
C GLU A 146 17.95 1.33 28.33
N PRO A 147 16.99 2.08 28.85
CA PRO A 147 15.93 1.66 29.75
C PRO A 147 14.67 1.22 29.10
N PHE A 148 14.41 1.63 27.85
CA PHE A 148 13.11 1.39 27.30
C PHE A 148 12.66 -0.03 27.13
N VAL A 149 13.62 -0.95 26.91
CA VAL A 149 13.29 -2.37 26.80
C VAL A 149 12.53 -2.83 28.00
N ASP A 150 12.92 -2.35 29.20
CA ASP A 150 12.31 -2.81 30.44
C ASP A 150 10.85 -2.36 30.54
N ASP A 151 10.47 -1.21 29.98
CA ASP A 151 9.12 -0.75 29.94
C ASP A 151 8.31 -1.64 28.96
N THR A 152 8.83 -1.83 27.76
CA THR A 152 8.20 -2.76 26.80
C THR A 152 7.95 -4.12 27.44
N TYR A 153 8.95 -4.65 28.15
CA TYR A 153 8.82 -5.95 28.80
C TYR A 153 7.79 -5.96 29.86
N LYS A 154 7.70 -4.90 30.67
CA LYS A 154 6.70 -4.82 31.66
C LYS A 154 5.28 -4.86 31.09
N TYR A 155 5.03 -4.14 29.99
CA TYR A 155 3.70 -4.13 29.41
C TYR A 155 3.37 -5.51 28.80
N PHE A 156 4.38 -6.16 28.23
CA PHE A 156 4.24 -7.49 27.64
C PHE A 156 3.83 -8.46 28.71
N LEU A 157 4.51 -8.45 29.86
CA LEU A 157 4.15 -9.32 30.97
C LEU A 157 2.76 -8.98 31.52
N GLU A 158 2.48 -7.71 31.78
CA GLU A 158 1.20 -7.31 32.34
C GLU A 158 0.08 -7.79 31.47
N THR A 159 0.18 -7.73 30.15
CA THR A 159 -0.89 -8.11 29.26
C THR A 159 -0.92 -9.63 29.02
N LEU A 160 0.19 -10.31 28.94
CA LEU A 160 0.20 -11.71 28.49
C LEU A 160 0.44 -12.73 29.56
N LEU A 161 1.02 -12.36 30.70
CA LEU A 161 1.37 -13.32 31.77
C LEU A 161 0.56 -13.05 33.04
N HIS A 162 0.46 -11.84 33.52
CA HIS A 162 -0.27 -11.57 34.73
C HIS A 162 -1.78 -11.73 34.55
N ASP A 163 -2.46 -12.12 35.58
CA ASP A 163 -3.93 -12.08 35.66
CA ASP A 163 -3.92 -12.11 35.52
C ASP A 163 -4.37 -10.65 35.59
N GLN A 164 -5.40 -10.31 34.82
CA GLN A 164 -5.99 -8.97 34.84
C GLN A 164 -7.51 -9.02 35.02
N ALA A 165 -8.00 -8.29 36.00
CA ALA A 165 -9.44 -8.05 36.10
C ALA A 165 -9.83 -7.09 35.02
N LEU A 166 -11.10 -7.17 34.66
CA LEU A 166 -11.64 -6.26 33.61
C LEU A 166 -12.56 -5.28 34.28
N PRO A 167 -12.62 -4.06 33.74
CA PRO A 167 -11.86 -3.46 32.61
C PRO A 167 -10.35 -3.34 32.95
N TYR A 168 -9.52 -3.61 32.00
CA TYR A 168 -8.09 -3.52 32.16
C TYR A 168 -7.55 -2.23 31.55
N ASN A 169 -7.08 -1.31 32.40
CA ASN A 169 -6.55 -0.03 32.00
C ASN A 169 -5.18 -0.15 31.34
N ILE A 170 -5.03 0.39 30.13
CA ILE A 170 -3.76 0.46 29.45
C ILE A 170 -3.10 1.81 29.75
N LYS A 171 -2.07 1.78 30.59
CA LYS A 171 -1.54 3.03 31.13
C LYS A 171 -0.59 3.67 30.12
N GLN A 172 -0.53 4.97 30.15
CA GLN A 172 0.36 5.76 29.34
CA GLN A 172 0.36 5.73 29.31
C GLN A 172 1.82 5.60 29.83
N PRO A 173 2.74 5.23 28.96
CA PRO A 173 4.14 5.34 29.36
C PRO A 173 4.53 6.73 29.75
N LEU A 174 5.46 6.91 30.65
CA LEU A 174 5.85 8.22 31.07
C LEU A 174 6.85 8.90 30.15
N PHE A 175 7.67 8.09 29.49
CA PHE A 175 8.74 8.58 28.63
C PHE A 175 8.77 7.81 27.30
N TRP A 176 9.31 8.43 26.26
CA TRP A 176 9.39 7.77 24.97
C TRP A 176 10.55 8.31 24.16
N SER A 177 10.91 7.57 23.10
CA SER A 177 11.85 8.01 22.08
C SER A 177 11.61 7.29 20.75
N ASP A 178 11.91 7.96 19.67
CA ASP A 178 12.00 7.37 18.31
C ASP A 178 13.39 7.62 17.70
N GLU A 179 14.39 7.88 18.48
CA GLU A 179 15.70 8.26 17.94
C GLU A 179 16.30 7.14 17.10
N PHE A 180 16.90 7.55 15.99
CA PHE A 180 17.56 6.64 15.08
C PHE A 180 19.01 6.43 15.47
N ILE A 181 19.18 5.84 16.65
CA ILE A 181 20.47 5.51 17.24
C ILE A 181 20.40 4.14 17.93
N ASN A 182 21.57 3.66 18.33
CA ASN A 182 21.70 2.51 19.19
C ASN A 182 21.03 1.26 18.59
N TRP A 183 21.21 1.01 17.31
CA TRP A 183 20.58 -0.16 16.69
C TRP A 183 21.38 -1.40 17.06
N GLU A 184 22.58 -1.57 16.52
CA GLU A 184 23.48 -2.71 16.88
C GLU A 184 24.27 -2.44 18.15
N GLU A 185 24.88 -1.28 18.22
CA GLU A 185 25.72 -0.88 19.35
C GLU A 185 25.24 0.45 19.93
N LYS A 186 25.40 0.60 21.24
CA LYS A 186 24.91 1.77 21.94
C LYS A 186 25.99 2.85 21.93
N THR A 187 25.68 4.08 21.48
CA THR A 187 26.64 5.15 21.51
C THR A 187 26.34 6.28 22.51
N LYS A 188 25.09 6.42 22.94
CA LYS A 188 24.70 7.36 23.99
C LYS A 188 23.32 7.01 24.44
N GLU A 189 22.87 7.62 25.49
CA GLU A 189 21.51 7.35 26.01
C GLU A 189 20.53 8.08 25.14
N LYS A 190 19.44 7.37 24.82
CA LYS A 190 18.27 8.05 24.22
C LYS A 190 17.67 9.09 25.14
N GLU A 191 17.08 10.12 24.60
CA GLU A 191 16.37 11.12 25.40
C GLU A 191 15.09 10.57 25.97
N LEU A 192 14.89 10.77 27.27
CA LEU A 192 13.65 10.36 27.95
C LEU A 192 12.60 11.43 27.77
N ARG A 193 11.92 11.44 26.63
CA ARG A 193 11.02 12.52 26.33
C ARG A 193 9.75 12.37 27.13
N PRO A 194 9.28 13.42 27.82
CA PRO A 194 8.04 13.33 28.54
C PRO A 194 6.92 13.03 27.57
N ASN A 195 6.11 12.05 27.91
CA ASN A 195 5.06 11.49 27.04
C ASN A 195 3.70 12.07 27.27
N ASN A 196 2.92 12.08 26.21
CA ASN A 196 1.47 12.41 26.27
C ASN A 196 0.75 11.75 25.14
N TRP A 197 -0.50 11.40 25.40
CA TRP A 197 -1.42 11.08 24.35
C TRP A 197 -2.16 12.36 23.98
N ILE A 198 -2.75 12.40 22.81
CA ILE A 198 -3.33 13.62 22.27
C ILE A 198 -4.86 13.43 22.06
N SER A 199 -5.63 14.31 22.66
CA SER A 199 -7.05 14.37 22.43
CA SER A 199 -7.06 14.38 22.44
C SER A 199 -7.33 15.18 21.17
N VAL A 200 -7.31 14.50 20.03
CA VAL A 200 -7.46 15.22 18.76
C VAL A 200 -8.90 15.72 18.52
N THR A 201 -9.83 14.84 18.80
CA THR A 201 -11.27 15.09 18.71
C THR A 201 -11.87 14.45 19.90
N ASN A 202 -12.59 15.21 20.71
CA ASN A 202 -13.16 14.72 21.97
C ASN A 202 -14.23 13.64 21.78
N GLY A 203 -14.43 12.83 22.81
CA GLY A 203 -15.51 11.88 22.87
C GLY A 203 -15.05 10.52 23.34
N GLN A 204 -15.97 9.58 23.36
CA GLN A 204 -15.73 8.22 23.78
C GLN A 204 -16.26 7.26 22.74
N ALA A 205 -15.74 6.08 22.74
CA ALA A 205 -16.23 4.99 21.91
C ALA A 205 -16.01 3.70 22.59
N THR A 206 -16.90 2.75 22.40
CA THR A 206 -16.78 1.40 22.89
C THR A 206 -17.09 0.46 21.75
N GLY A 207 -16.16 -0.45 21.45
CA GLY A 207 -16.40 -1.40 20.38
C GLY A 207 -15.23 -2.30 20.19
N ARG A 208 -15.35 -3.28 19.30
CA ARG A 208 -14.25 -4.18 18.97
C ARG A 208 -13.13 -3.39 18.33
N VAL A 209 -11.90 -3.57 18.78
CA VAL A 209 -10.74 -2.94 18.16
C VAL A 209 -10.20 -3.80 17.02
N ILE A 210 -9.99 -3.15 15.87
CA ILE A 210 -9.42 -3.74 14.71
CA ILE A 210 -9.45 -3.74 14.61
C ILE A 210 -8.40 -2.81 14.09
N GLY A 211 -7.27 -3.38 13.66
CA GLY A 211 -6.31 -2.60 12.89
C GLY A 211 -4.90 -3.09 13.18
N GLY A 212 -3.97 -2.17 13.07
CA GLY A 212 -2.57 -2.44 13.10
C GLY A 212 -1.82 -1.46 12.22
N ASN A 213 -0.81 -1.96 11.47
CA ASN A 213 -0.02 -1.09 10.60
C ASN A 213 -0.84 -0.77 9.35
N LEU A 214 -1.14 0.52 9.11
CA LEU A 214 -1.99 0.87 8.01
C LEU A 214 -1.45 0.62 6.65
N ASN A 215 -0.16 0.88 6.46
CA ASN A 215 0.45 0.58 5.19
C ASN A 215 0.30 -0.87 4.82
N THR A 216 0.49 -1.74 5.81
CA THR A 216 0.42 -3.15 5.60
C THR A 216 -0.99 -3.61 5.32
N ILE A 217 -1.99 -2.99 5.92
CA ILE A 217 -3.40 -3.30 5.69
C ILE A 217 -3.73 -3.21 4.18
N GLN A 218 -3.12 -2.27 3.46
CA GLN A 218 -3.35 -2.08 2.07
C GLN A 218 -2.83 -3.29 1.25
N GLY A 219 -2.03 -4.18 1.77
CA GLY A 219 -1.60 -5.37 1.12
C GLY A 219 -2.50 -6.59 1.33
N ILE A 220 -3.49 -6.49 2.24
CA ILE A 220 -4.43 -7.53 2.49
C ILE A 220 -5.88 -7.15 2.28
N TRP A 221 -6.16 -5.87 2.08
CA TRP A 221 -7.52 -5.38 1.96
C TRP A 221 -8.31 -6.13 0.90
N GLY A 222 -9.56 -6.50 1.23
CA GLY A 222 -10.48 -7.11 0.29
C GLY A 222 -10.34 -8.63 0.26
N SER A 223 -9.32 -9.17 0.89
CA SER A 223 -9.07 -10.63 0.80
C SER A 223 -9.77 -11.34 1.99
N PRO A 224 -9.73 -12.68 1.98
CA PRO A 224 -10.28 -13.40 3.10
C PRO A 224 -9.50 -13.20 4.41
N TYR A 225 -8.33 -12.60 4.35
CA TYR A 225 -7.44 -12.43 5.46
C TYR A 225 -7.62 -11.11 6.18
N MET A 226 -8.41 -10.22 5.61
CA MET A 226 -8.73 -8.95 6.28
C MET A 226 -10.07 -9.07 7.01
N PRO A 227 -10.10 -8.98 8.32
CA PRO A 227 -11.37 -9.03 9.00
C PRO A 227 -12.26 -7.87 8.50
N CYS A 228 -13.53 -8.12 8.30
CA CYS A 228 -14.41 -7.10 7.90
CA CYS A 228 -14.49 -7.12 7.93
C CYS A 228 -14.62 -6.09 9.05
N ILE A 229 -14.50 -4.81 8.73
CA ILE A 229 -14.77 -3.64 9.61
CA ILE A 229 -14.75 -3.73 9.69
C ILE A 229 -16.26 -3.60 9.74
N GLN A 230 -16.78 -3.52 10.95
CA GLN A 230 -18.23 -3.48 11.24
C GLN A 230 -18.56 -2.19 11.91
N GLU A 231 -19.85 -1.82 11.78
CA GLU A 231 -20.39 -0.66 12.44
C GLU A 231 -20.03 -0.72 13.91
N GLY A 232 -19.52 0.36 14.43
CA GLY A 232 -19.17 0.49 15.78
C GLY A 232 -17.78 0.06 16.20
N ASP A 233 -17.03 -0.54 15.32
CA ASP A 233 -15.67 -0.90 15.63
C ASP A 233 -14.86 0.32 16.01
N ILE A 234 -13.81 0.12 16.78
CA ILE A 234 -12.79 1.13 16.96
C ILE A 234 -11.60 0.79 16.08
N LEU A 235 -11.19 1.77 15.26
CA LEU A 235 -10.08 1.57 14.36
C LEU A 235 -8.80 1.92 15.00
N PHE A 236 -7.86 1.01 15.13
CA PHE A 236 -6.47 1.26 15.59
C PHE A 236 -5.56 1.25 14.36
N ILE A 237 -4.86 2.33 14.12
CA ILE A 237 -3.90 2.47 13.03
C ILE A 237 -2.64 3.11 13.45
N GLU A 238 -1.53 2.65 12.90
CA GLU A 238 -0.24 3.33 13.01
C GLU A 238 0.49 3.17 11.71
N ASP A 239 1.28 4.19 11.39
CA ASP A 239 2.37 4.05 10.45
C ASP A 239 3.68 4.52 11.07
N SER A 240 4.79 4.05 10.54
CA SER A 240 6.12 4.34 11.02
C SER A 240 7.04 4.59 9.88
N SER A 241 7.89 5.57 10.02
CA SER A 241 8.99 5.86 9.10
C SER A 241 8.48 6.09 7.68
N LYS A 242 7.34 6.77 7.57
CA LYS A 242 6.80 7.16 6.28
CA LYS A 242 6.75 7.16 6.30
C LYS A 242 6.72 8.66 6.20
N ASP A 243 5.99 9.17 5.26
CA ASP A 243 5.91 10.59 4.95
CA ASP A 243 5.92 10.59 4.95
C ASP A 243 4.50 11.05 4.72
N ALA A 244 4.35 12.36 4.64
CA ALA A 244 3.03 12.94 4.55
C ALA A 244 2.25 12.44 3.30
N ALA A 245 2.92 12.36 2.17
CA ALA A 245 2.29 11.88 0.96
C ALA A 245 1.75 10.47 1.09
N THR A 246 2.56 9.58 1.67
CA THR A 246 2.14 8.20 1.83
C THR A 246 0.95 8.10 2.74
N ILE A 247 0.98 8.79 3.88
CA ILE A 247 -0.09 8.62 4.82
C ILE A 247 -1.40 9.30 4.32
N GLU A 248 -1.33 10.41 3.59
CA GLU A 248 -2.52 10.94 2.95
C GLU A 248 -3.15 9.87 2.05
N ARG A 249 -2.36 9.18 1.28
CA ARG A 249 -2.90 8.15 0.38
C ARG A 249 -3.60 7.10 1.21
N SER A 250 -2.99 6.65 2.32
CA SER A 250 -3.61 5.61 3.13
C SER A 250 -4.85 6.08 3.85
N PHE A 251 -4.85 7.31 4.32
CA PHE A 251 -6.07 7.83 4.94
C PHE A 251 -7.21 7.98 3.93
N SER A 252 -6.89 8.46 2.73
CA SER A 252 -7.94 8.57 1.72
C SER A 252 -8.42 7.19 1.27
N PHE A 253 -7.56 6.19 1.24
CA PHE A 253 -7.93 4.79 0.98
C PHE A 253 -9.02 4.35 1.99
N LEU A 254 -8.85 4.67 3.28
CA LEU A 254 -9.86 4.28 4.27
C LEU A 254 -11.14 5.05 3.99
N LYS A 255 -11.03 6.36 3.71
CA LYS A 255 -12.18 7.20 3.47
C LYS A 255 -13.03 6.69 2.32
N ILE A 256 -12.40 6.40 1.18
CA ILE A 256 -13.20 6.00 0.01
C ILE A 256 -13.77 4.57 0.15
N ASN A 257 -13.20 3.78 1.07
CA ASN A 257 -13.72 2.48 1.42
C ASN A 257 -14.85 2.57 2.46
N GLY A 258 -15.24 3.75 2.90
CA GLY A 258 -16.35 3.85 3.84
C GLY A 258 -15.99 3.54 5.27
N VAL A 259 -14.71 3.40 5.59
CA VAL A 259 -14.35 2.92 6.93
C VAL A 259 -14.75 3.95 7.98
N PHE A 260 -14.64 5.22 7.66
CA PHE A 260 -14.95 6.28 8.59
C PHE A 260 -16.45 6.40 8.81
N ASP A 261 -17.31 5.87 7.95
CA ASP A 261 -18.73 5.82 8.21
C ASP A 261 -19.08 4.75 9.24
N LYS A 262 -18.26 3.74 9.37
CA LYS A 262 -18.54 2.63 10.28
C LYS A 262 -17.98 2.81 11.68
N VAL A 263 -16.77 3.31 11.81
CA VAL A 263 -16.12 3.24 13.07
C VAL A 263 -16.64 4.22 14.06
N SER A 264 -16.55 3.89 15.35
CA SER A 264 -17.03 4.72 16.46
CA SER A 264 -17.04 4.81 16.36
C SER A 264 -15.95 5.69 16.94
N GLY A 265 -14.68 5.32 16.72
CA GLY A 265 -13.55 6.10 17.21
C GLY A 265 -12.30 5.57 16.54
N ILE A 266 -11.22 6.35 16.66
CA ILE A 266 -9.94 6.07 16.04
C ILE A 266 -8.84 6.23 17.09
N ILE A 267 -7.97 5.24 17.19
CA ILE A 267 -6.72 5.29 17.96
C ILE A 267 -5.54 5.36 16.98
N LEU A 268 -4.79 6.43 16.98
CA LEU A 268 -3.67 6.61 16.06
C LEU A 268 -2.37 6.49 16.82
N GLY A 269 -1.48 5.61 16.39
CA GLY A 269 -0.13 5.47 16.96
C GLY A 269 0.74 6.68 16.73
N LYS A 270 1.79 6.82 17.51
CA LYS A 270 2.88 7.69 17.14
C LYS A 270 3.42 7.28 15.78
N HIS A 271 4.07 8.24 15.13
CA HIS A 271 4.66 8.00 13.82
C HIS A 271 6.16 8.22 13.89
N GLU A 272 6.91 7.15 14.11
CA GLU A 272 8.35 7.17 14.21
C GLU A 272 8.96 7.91 13.05
N GLN A 273 9.82 8.86 13.31
CA GLN A 273 10.65 9.52 12.28
C GLN A 273 9.79 10.05 11.14
N PHE A 274 8.63 10.60 11.42
CA PHE A 274 7.72 11.06 10.39
C PHE A 274 8.39 12.13 9.54
N ASP A 275 8.29 12.00 8.23
CA ASP A 275 8.74 13.03 7.29
C ASP A 275 7.52 13.88 6.86
N ASP A 276 7.39 15.10 7.34
CA ASP A 276 6.28 15.95 7.04
C ASP A 276 6.37 16.64 5.67
N CYS A 277 7.44 16.42 4.95
CA CYS A 277 7.61 16.93 3.58
C CYS A 277 7.74 18.43 3.59
N GLY A 278 8.10 19.06 4.70
CA GLY A 278 8.20 20.53 4.79
C GLY A 278 6.92 21.22 5.24
N THR A 279 5.86 20.48 5.42
CA THR A 279 4.56 21.03 5.76
C THR A 279 4.43 21.47 7.20
N ASN A 280 5.26 20.90 8.05
CA ASN A 280 5.11 21.04 9.51
C ASN A 280 3.86 20.39 10.07
N ARG A 281 3.17 19.57 9.29
N ARG A 281 3.10 19.63 9.30
CA ARG A 281 1.89 19.00 9.70
CA ARG A 281 1.88 19.01 9.74
C ARG A 281 2.08 17.70 10.46
C ARG A 281 2.13 17.72 10.52
N LYS A 282 1.28 17.50 11.50
CA LYS A 282 1.29 16.25 12.23
C LYS A 282 0.42 15.26 11.47
N PRO A 283 0.73 13.93 11.64
CA PRO A 283 -0.09 12.92 10.96
C PRO A 283 -1.57 13.11 11.24
N TYR A 284 -1.99 13.42 12.48
CA TYR A 284 -3.40 13.58 12.72
C TYR A 284 -4.01 14.75 11.95
N GLU A 285 -3.24 15.79 11.65
CA GLU A 285 -3.75 16.94 10.90
C GLU A 285 -4.08 16.54 9.47
N ILE A 286 -3.29 15.64 8.87
CA ILE A 286 -3.55 15.13 7.54
C ILE A 286 -4.78 14.26 7.55
N LEU A 287 -4.87 13.39 8.54
CA LEU A 287 -6.05 12.55 8.70
C LEU A 287 -7.27 13.41 8.84
N LEU A 288 -7.21 14.47 9.64
CA LEU A 288 -8.42 15.30 9.81
C LEU A 288 -8.80 16.02 8.56
N GLU A 289 -7.86 16.42 7.69
CA GLU A 289 -8.28 16.98 6.39
C GLU A 289 -9.03 15.92 5.62
N VAL A 290 -8.57 14.68 5.58
CA VAL A 290 -9.29 13.66 4.87
C VAL A 290 -10.67 13.44 5.44
N LEU A 291 -10.83 13.53 6.75
CA LEU A 291 -12.13 13.38 7.38
C LEU A 291 -13.10 14.48 7.03
N GLN A 292 -12.59 15.66 6.65
CA GLN A 292 -13.42 16.78 6.24
C GLN A 292 -14.39 17.10 7.38
N ASN A 293 -15.68 17.13 7.12
CA ASN A 293 -16.71 17.53 8.05
C ASN A 293 -17.27 16.40 8.93
N GLN A 294 -16.64 15.24 8.92
CA GLN A 294 -17.09 14.13 9.75
C GLN A 294 -16.32 14.10 11.08
N ARG A 295 -17.03 14.28 12.16
CA ARG A 295 -16.47 14.30 13.50
C ARG A 295 -16.39 12.89 14.06
N ILE A 296 -15.20 12.45 14.43
CA ILE A 296 -14.97 11.12 15.01
C ILE A 296 -14.06 11.29 16.20
N PRO A 297 -14.39 10.77 17.37
CA PRO A 297 -13.45 10.78 18.50
C PRO A 297 -12.14 10.16 18.11
N LEU A 298 -11.02 10.80 18.47
CA LEU A 298 -9.68 10.41 17.98
CA LEU A 298 -9.71 10.38 18.01
C LEU A 298 -8.68 10.69 19.08
N LEU A 299 -7.99 9.61 19.50
CA LEU A 299 -6.88 9.64 20.45
C LEU A 299 -5.60 9.31 19.71
N ALA A 300 -4.68 10.23 19.65
CA ALA A 300 -3.43 10.08 18.89
C ALA A 300 -2.20 9.99 19.79
N ASP A 301 -1.10 9.66 19.11
CA ASP A 301 0.23 9.45 19.74
C ASP A 301 0.20 8.29 20.72
N PHE A 302 -0.62 7.28 20.44
CA PHE A 302 -0.64 6.08 21.23
C PHE A 302 0.63 5.26 21.05
N ASP A 303 1.17 4.73 22.16
CA ASP A 303 2.47 4.03 22.17
C ASP A 303 2.35 2.55 21.84
N CYS A 304 1.90 2.27 20.62
CA CYS A 304 1.80 0.91 20.13
C CYS A 304 2.16 0.93 18.66
N CYS A 305 3.44 1.03 18.44
CA CYS A 305 4.01 1.38 17.13
C CYS A 305 5.51 1.14 17.17
N ALA A 306 6.30 1.75 16.30
CA ALA A 306 7.73 1.55 16.30
C ALA A 306 8.50 2.41 17.30
N THR A 307 7.88 3.41 17.90
CA THR A 307 8.53 4.17 18.96
C THR A 307 8.70 3.31 20.21
N HIS A 308 9.62 3.69 21.08
CA HIS A 308 9.90 2.99 22.31
C HIS A 308 9.40 3.79 23.49
N PRO A 309 8.76 3.16 24.48
CA PRO A 309 8.48 1.75 24.62
C PRO A 309 7.20 1.40 23.89
N MET A 310 6.86 0.12 23.86
CA MET A 310 5.69 -0.35 23.13
C MET A 310 4.76 -1.14 24.04
N ILE A 311 3.48 -0.76 24.01
CA ILE A 311 2.38 -1.48 24.61
C ILE A 311 2.07 -2.74 23.81
N THR A 312 1.60 -3.79 24.50
CA THR A 312 1.02 -4.97 23.84
C THR A 312 -0.49 -4.79 23.84
N MET A 313 -1.07 -4.77 22.66
CA MET A 313 -2.52 -4.52 22.47
CA MET A 313 -2.51 -4.50 22.46
C MET A 313 -3.19 -5.73 21.91
N PRO A 314 -4.20 -6.29 22.62
CA PRO A 314 -5.05 -7.29 22.03
C PRO A 314 -5.89 -6.70 20.87
N ILE A 315 -6.06 -7.44 19.79
CA ILE A 315 -6.86 -7.07 18.66
C ILE A 315 -8.03 -8.08 18.51
N GLY A 316 -9.23 -7.55 18.29
CA GLY A 316 -10.40 -8.37 18.07
C GLY A 316 -11.29 -8.51 19.30
N VAL A 317 -11.01 -7.69 20.38
CA VAL A 317 -11.81 -7.71 21.59
C VAL A 317 -12.37 -6.29 21.83
N GLN A 318 -13.42 -6.24 22.64
CA GLN A 318 -14.06 -5.01 23.03
C GLN A 318 -13.12 -4.11 23.85
N VAL A 319 -13.10 -2.83 23.51
CA VAL A 319 -12.35 -1.79 24.16
C VAL A 319 -13.20 -0.60 24.37
N LYS A 320 -12.91 0.19 25.42
CA LYS A 320 -13.42 1.55 25.56
CA LYS A 320 -13.39 1.54 25.62
C LYS A 320 -12.30 2.53 25.40
N MET A 321 -12.44 3.42 24.46
CA MET A 321 -11.52 4.55 24.29
C MET A 321 -12.22 5.81 24.74
N ASP A 322 -11.50 6.61 25.48
CA ASP A 322 -11.92 7.94 25.89
C ASP A 322 -10.96 8.96 25.40
N ALA A 323 -11.24 9.59 24.27
CA ALA A 323 -10.35 10.53 23.70
C ALA A 323 -10.25 11.78 24.50
N THR A 324 -11.33 12.20 25.18
CA THR A 324 -11.30 13.41 26.02
C THR A 324 -10.37 13.30 27.18
N ASN A 325 -10.47 12.17 27.88
CA ASN A 325 -9.66 11.89 29.09
C ASN A 325 -8.43 11.05 28.86
N LYS A 326 -8.21 10.62 27.64
CA LYS A 326 -7.05 9.92 27.16
CA LYS A 326 -7.02 9.94 27.22
C LYS A 326 -6.85 8.62 27.92
N THR A 327 -7.88 7.75 27.86
CA THR A 327 -7.83 6.43 28.47
C THR A 327 -8.20 5.35 27.43
N ILE A 328 -7.63 4.19 27.62
CA ILE A 328 -7.96 2.99 26.88
CA ILE A 328 -7.96 3.00 26.87
C ILE A 328 -8.13 1.88 27.87
N HIS A 329 -9.28 1.16 27.82
CA HIS A 329 -9.51 0.01 28.66
C HIS A 329 -9.90 -1.18 27.82
N ILE A 330 -9.40 -2.33 28.11
CA ILE A 330 -9.81 -3.60 27.46
C ILE A 330 -10.96 -4.21 28.32
N LEU A 331 -12.08 -4.54 27.62
CA LEU A 331 -13.31 -4.92 28.30
C LEU A 331 -13.65 -6.36 28.24
N GLU A 332 -12.93 -7.20 27.46
CA GLU A 332 -13.22 -8.61 27.21
C GLU A 332 -11.92 -9.36 27.33
N LYS A 333 -11.98 -10.58 27.80
CA LYS A 333 -10.81 -11.44 28.00
C LYS A 333 -10.18 -11.76 26.70
N TRP A 334 -8.84 -11.82 26.74
CA TRP A 334 -7.99 -12.12 25.57
C TRP A 334 -7.07 -13.29 25.77
N LYS A 335 -7.09 -13.92 26.93
CA LYS A 335 -6.28 -15.08 27.26
CA LYS A 335 -6.29 -15.10 27.23
C LYS A 335 -6.92 -15.84 28.38
N ILE A 336 -6.55 -17.10 28.59
CA ILE A 336 -7.08 -17.90 29.73
C ILE A 336 -6.02 -18.26 30.77
N PRO B 5 -21.47 5.24 -24.67
CA PRO B 5 -20.81 6.54 -24.39
C PRO B 5 -19.28 6.48 -24.56
N LEU B 6 -18.80 7.25 -25.51
CA LEU B 6 -17.41 7.31 -25.85
C LEU B 6 -17.03 8.77 -26.03
N PRO B 7 -15.79 9.10 -25.71
CA PRO B 7 -15.33 10.43 -26.00
C PRO B 7 -15.05 10.66 -27.47
N LYS B 8 -15.15 11.90 -27.92
CA LYS B 8 -14.74 12.25 -29.27
C LYS B 8 -13.24 12.21 -29.48
N SER B 9 -12.81 11.75 -30.64
CA SER B 9 -11.40 11.77 -30.99
C SER B 9 -10.84 13.16 -30.86
N LEU B 10 -9.58 13.25 -30.45
CA LEU B 10 -8.81 14.45 -30.44
C LEU B 10 -8.68 14.98 -31.91
N LYS B 11 -8.66 16.29 -32.05
CA LYS B 11 -8.38 16.95 -33.32
C LYS B 11 -7.36 18.03 -33.11
N TYR B 12 -6.58 18.28 -34.16
CA TYR B 12 -5.72 19.44 -34.17
C TYR B 12 -6.55 20.69 -33.98
N GLY B 13 -6.13 21.60 -33.12
CA GLY B 13 -6.84 22.80 -32.79
C GLY B 13 -7.64 22.62 -31.53
N ASP B 14 -7.73 21.43 -30.97
CA ASP B 14 -8.41 21.18 -29.70
C ASP B 14 -7.60 21.76 -28.52
N THR B 15 -8.28 21.92 -27.39
CA THR B 15 -7.69 22.30 -26.17
C THR B 15 -7.57 21.11 -25.22
N ILE B 16 -6.35 20.92 -24.73
CA ILE B 16 -6.01 19.93 -23.68
C ILE B 16 -5.96 20.69 -22.34
N GLY B 17 -6.81 20.30 -21.42
CA GLY B 17 -6.69 20.86 -20.09
C GLY B 17 -5.78 20.06 -19.22
N ILE B 18 -4.93 20.75 -18.46
CA ILE B 18 -4.00 20.10 -17.60
C ILE B 18 -4.29 20.41 -16.16
N TYR B 19 -4.07 19.40 -15.29
CA TYR B 19 -4.35 19.51 -13.86
C TYR B 19 -3.24 18.79 -13.10
N SER B 20 -3.10 19.10 -11.81
CA SER B 20 -2.03 18.53 -10.95
C SER B 20 -2.68 17.88 -9.78
N PRO B 21 -3.10 16.63 -9.85
CA PRO B 21 -3.84 15.99 -8.78
C PRO B 21 -2.95 15.57 -7.59
N SER B 22 -1.61 15.65 -7.76
CA SER B 22 -0.71 15.23 -6.72
C SER B 22 0.52 16.17 -6.72
N SER B 23 1.67 15.70 -7.18
CA SER B 23 2.93 16.47 -7.02
C SER B 23 2.86 17.77 -7.78
N PRO B 24 3.43 18.84 -7.25
CA PRO B 24 3.38 20.19 -7.87
C PRO B 24 4.49 20.41 -8.90
N VAL B 25 4.53 19.60 -9.93
CA VAL B 25 5.63 19.59 -10.88
C VAL B 25 5.71 20.89 -11.67
N THR B 26 4.61 21.58 -11.85
CA THR B 26 4.67 22.81 -12.63
C THR B 26 5.43 23.92 -11.90
N TYR B 27 5.58 23.77 -10.63
CA TYR B 27 6.38 24.62 -9.79
C TYR B 27 7.84 24.12 -9.68
N THR B 28 8.01 22.83 -9.47
CA THR B 28 9.31 22.23 -9.15
C THR B 28 10.20 21.90 -10.36
N SER B 29 9.58 21.65 -11.52
CA SER B 29 10.32 21.34 -12.76
C SER B 29 9.80 22.24 -13.87
N PRO B 30 10.02 23.56 -13.74
CA PRO B 30 9.44 24.50 -14.68
C PRO B 30 10.00 24.39 -16.08
N LYS B 31 11.27 23.98 -16.25
CA LYS B 31 11.84 23.91 -17.62
C LYS B 31 11.16 22.80 -18.40
N ARG B 32 11.02 21.66 -17.75
CA ARG B 32 10.42 20.49 -18.39
C ARG B 32 8.95 20.80 -18.70
N PHE B 33 8.27 21.48 -17.77
CA PHE B 33 6.88 21.88 -17.95
C PHE B 33 6.75 22.79 -19.19
N GLU B 34 7.58 23.82 -19.26
CA GLU B 34 7.48 24.73 -20.39
C GLU B 34 7.80 24.04 -21.69
N ARG B 35 8.79 23.14 -21.69
CA ARG B 35 9.10 22.41 -22.88
C ARG B 35 7.96 21.55 -23.39
N ALA B 36 7.32 20.87 -22.46
CA ALA B 36 6.18 20.00 -22.75
C ALA B 36 5.04 20.79 -23.40
N LYS B 37 4.69 21.93 -22.75
CA LYS B 37 3.64 22.76 -23.34
C LYS B 37 4.04 23.16 -24.78
N SER B 38 5.26 23.68 -24.93
CA SER B 38 5.70 24.13 -26.25
C SER B 38 5.66 23.02 -27.29
N TYR B 39 6.00 21.80 -26.93
CA TYR B 39 5.94 20.68 -27.85
C TYR B 39 4.54 20.52 -28.36
N LEU B 40 3.54 20.47 -27.47
CA LEU B 40 2.17 20.23 -27.89
C LEU B 40 1.59 21.44 -28.62
N LEU B 41 1.96 22.66 -28.22
CA LEU B 41 1.52 23.85 -28.96
C LEU B 41 2.01 23.80 -30.39
N GLN B 42 3.28 23.45 -30.56
CA GLN B 42 3.82 23.37 -31.93
CA GLN B 42 3.89 23.36 -31.92
C GLN B 42 3.17 22.28 -32.75
N LYS B 43 2.79 21.16 -32.13
CA LYS B 43 2.03 20.13 -32.83
C LYS B 43 0.68 20.60 -33.30
N GLY B 44 0.06 21.50 -32.52
CA GLY B 44 -1.19 22.11 -32.88
C GLY B 44 -2.32 21.94 -31.88
N PHE B 45 -2.01 21.87 -30.59
CA PHE B 45 -3.02 21.73 -29.53
C PHE B 45 -2.86 22.91 -28.58
N HIS B 46 -3.95 23.51 -28.16
CA HIS B 46 -3.92 24.52 -27.10
C HIS B 46 -3.79 23.83 -25.77
N ILE B 47 -3.24 24.53 -24.76
CA ILE B 47 -3.14 24.03 -23.42
C ILE B 47 -3.91 25.01 -22.55
N LEU B 48 -4.87 24.48 -21.80
CA LEU B 48 -5.60 25.22 -20.79
C LEU B 48 -5.01 24.79 -19.42
N GLU B 49 -4.35 25.71 -18.75
CA GLU B 49 -3.66 25.44 -17.49
C GLU B 49 -4.68 25.47 -16.34
N GLY B 50 -4.78 24.38 -15.62
CA GLY B 50 -5.70 24.28 -14.51
C GLY B 50 -5.32 25.28 -13.40
N SER B 51 -6.25 25.50 -12.49
CA SER B 51 -6.14 26.51 -11.46
C SER B 51 -4.99 26.33 -10.48
N LEU B 52 -4.41 25.17 -10.38
CA LEU B 52 -3.26 24.90 -9.46
C LEU B 52 -1.95 24.97 -10.18
N THR B 53 -1.92 25.33 -11.44
CA THR B 53 -0.65 25.40 -12.17
C THR B 53 0.21 26.49 -11.52
N GLY B 54 1.47 26.18 -11.24
CA GLY B 54 2.39 27.14 -10.64
C GLY B 54 2.26 27.20 -9.12
N ARG B 55 1.32 26.49 -8.52
CA ARG B 55 1.18 26.51 -7.06
C ARG B 55 2.03 25.44 -6.40
N TYR B 56 2.28 25.64 -5.13
CA TYR B 56 3.13 24.74 -4.38
C TYR B 56 2.57 24.54 -2.99
N ASP B 57 2.32 23.27 -2.61
CA ASP B 57 2.00 22.87 -1.25
C ASP B 57 2.85 21.68 -0.88
N TYR B 58 4.18 21.84 -1.05
CA TYR B 58 5.18 20.85 -0.56
C TYR B 58 5.10 19.56 -1.38
N TYR B 59 4.50 18.52 -0.85
CA TYR B 59 4.37 17.29 -1.57
C TYR B 59 3.22 17.26 -2.53
N ARG B 60 2.35 18.27 -2.50
CA ARG B 60 1.18 18.31 -3.34
C ARG B 60 0.98 19.72 -3.90
N SER B 61 0.05 19.81 -4.85
CA SER B 61 -0.32 21.09 -5.49
C SER B 61 -1.20 21.95 -4.63
N GLY B 62 -1.99 21.36 -3.73
CA GLY B 62 -2.96 22.11 -2.92
C GLY B 62 -3.80 21.14 -2.11
N SER B 63 -4.76 21.72 -1.38
CA SER B 63 -5.73 20.93 -0.61
C SER B 63 -6.51 19.97 -1.42
N ILE B 64 -7.09 19.00 -0.71
CA ILE B 64 -8.01 18.08 -1.32
C ILE B 64 -9.10 18.80 -2.14
N GLN B 65 -9.75 19.76 -1.46
CA GLN B 65 -10.81 20.52 -2.13
C GLN B 65 -10.30 21.26 -3.32
N GLU B 66 -9.17 21.94 -3.23
CA GLU B 66 -8.68 22.70 -4.36
C GLU B 66 -8.30 21.83 -5.52
N ARG B 67 -7.76 20.66 -5.27
CA ARG B 67 -7.43 19.75 -6.35
C ARG B 67 -8.67 19.20 -7.04
N ALA B 68 -9.72 18.90 -6.27
CA ALA B 68 -10.95 18.50 -6.89
C ALA B 68 -11.56 19.61 -7.70
N LYS B 69 -11.53 20.83 -7.18
CA LYS B 69 -12.04 21.94 -7.94
C LYS B 69 -11.29 22.17 -9.27
N GLU B 70 -9.99 21.98 -9.26
CA GLU B 70 -9.15 22.17 -10.41
C GLU B 70 -9.60 21.21 -11.52
N LEU B 71 -9.73 19.94 -11.20
CA LEU B 71 -10.15 18.94 -12.15
C LEU B 71 -11.61 19.15 -12.57
N ASN B 72 -12.51 19.41 -11.63
CA ASN B 72 -13.92 19.62 -11.99
C ASN B 72 -14.09 20.74 -12.97
N ALA B 73 -13.29 21.82 -12.83
CA ALA B 73 -13.46 22.95 -13.74
C ALA B 73 -13.18 22.49 -15.17
N LEU B 74 -12.24 21.60 -15.34
CA LEU B 74 -11.90 21.06 -16.69
C LEU B 74 -12.99 20.12 -17.19
N ILE B 75 -13.50 19.24 -16.33
CA ILE B 75 -14.60 18.32 -16.67
C ILE B 75 -15.80 19.10 -17.20
N ARG B 76 -16.13 20.21 -16.54
CA ARG B 76 -17.26 21.04 -16.83
C ARG B 76 -17.05 22.02 -17.97
N ASN B 77 -15.87 22.10 -18.55
CA ASN B 77 -15.57 23.07 -19.57
C ASN B 77 -15.85 22.43 -20.94
N PRO B 78 -16.86 22.91 -21.69
CA PRO B 78 -17.20 22.33 -22.98
C PRO B 78 -16.14 22.53 -24.05
N ASN B 79 -15.21 23.45 -23.84
CA ASN B 79 -14.16 23.72 -24.78
C ASN B 79 -12.96 22.78 -24.68
N VAL B 80 -12.94 21.95 -23.66
CA VAL B 80 -11.79 21.06 -23.46
C VAL B 80 -12.15 19.66 -24.03
N SER B 81 -11.24 19.08 -24.81
N SER B 81 -11.29 19.05 -24.83
CA SER B 81 -11.48 17.80 -25.46
CA SER B 81 -11.62 17.71 -25.34
C SER B 81 -10.73 16.67 -24.78
C SER B 81 -10.78 16.63 -24.69
N CYS B 82 -9.73 17.01 -23.97
CA CYS B 82 -8.78 16.03 -23.38
C CYS B 82 -8.34 16.64 -22.10
N ILE B 83 -8.34 15.85 -21.04
CA ILE B 83 -7.90 16.23 -19.73
C ILE B 83 -6.69 15.33 -19.40
N MET B 84 -5.55 15.95 -19.12
CA MET B 84 -4.29 15.25 -18.97
C MET B 84 -3.64 15.68 -17.65
N SER B 85 -3.20 14.71 -16.84
CA SER B 85 -2.47 15.08 -15.64
C SER B 85 -1.09 15.66 -16.00
N THR B 86 -0.57 16.53 -15.17
CA THR B 86 0.75 17.03 -15.36
C THR B 86 1.80 16.01 -15.00
N ILE B 87 1.54 15.26 -13.92
CA ILE B 87 2.39 14.21 -13.36
C ILE B 87 1.56 13.52 -12.24
N GLY B 88 2.06 12.43 -11.73
CA GLY B 88 1.52 11.70 -10.62
C GLY B 88 2.04 12.14 -9.28
N GLY B 89 2.39 11.17 -8.49
CA GLY B 89 2.79 11.38 -7.07
C GLY B 89 2.18 10.25 -6.25
N MET B 90 1.36 10.57 -5.32
CA MET B 90 0.69 9.62 -4.48
CA MET B 90 0.77 9.67 -4.37
C MET B 90 -0.72 9.93 -4.07
N ASN B 91 -1.24 11.13 -4.38
CA ASN B 91 -2.42 11.64 -3.72
C ASN B 91 -3.63 11.92 -4.55
N SER B 92 -3.67 11.37 -5.77
CA SER B 92 -4.87 11.51 -6.60
C SER B 92 -6.09 10.86 -5.97
N ASN B 93 -5.94 9.78 -5.23
CA ASN B 93 -7.11 9.11 -4.66
C ASN B 93 -7.88 10.01 -3.71
N SER B 94 -7.27 11.04 -3.13
CA SER B 94 -7.98 11.93 -2.24
C SER B 94 -9.12 12.63 -2.94
N LEU B 95 -9.04 12.83 -4.24
CA LEU B 95 -10.02 13.64 -4.98
C LEU B 95 -11.30 12.90 -5.23
N LEU B 96 -11.26 11.55 -5.16
CA LEU B 96 -12.31 10.72 -5.71
C LEU B 96 -13.71 10.99 -5.15
N PRO B 97 -13.93 11.29 -3.89
CA PRO B 97 -15.29 11.58 -3.43
C PRO B 97 -15.89 12.84 -4.05
N TYR B 98 -15.08 13.70 -4.62
CA TYR B 98 -15.43 15.06 -4.91
C TYR B 98 -15.54 15.37 -6.38
N ILE B 99 -15.25 14.41 -7.24
CA ILE B 99 -15.31 14.60 -8.68
C ILE B 99 -16.74 14.58 -9.22
N ASP B 100 -16.94 15.43 -10.22
CA ASP B 100 -18.25 15.55 -10.87
C ASP B 100 -18.35 14.49 -11.97
N TYR B 101 -18.63 13.29 -11.52
CA TYR B 101 -18.76 12.14 -12.41
C TYR B 101 -19.95 12.33 -13.37
N ASP B 102 -21.06 12.90 -12.86
CA ASP B 102 -22.20 13.11 -13.75
C ASP B 102 -21.89 14.07 -14.88
N ALA B 103 -21.11 15.11 -14.65
CA ALA B 103 -20.81 16.05 -15.71
C ALA B 103 -19.93 15.33 -16.73
N PHE B 104 -19.02 14.48 -16.24
CA PHE B 104 -18.20 13.75 -17.17
C PHE B 104 -19.04 12.81 -18.04
N GLN B 105 -19.93 12.07 -17.41
CA GLN B 105 -20.76 11.14 -18.12
C GLN B 105 -21.62 11.82 -19.12
N ASN B 106 -22.09 13.01 -18.81
CA ASN B 106 -22.94 13.74 -19.69
C ASN B 106 -22.22 14.32 -20.88
N ASN B 107 -20.95 14.60 -20.76
CA ASN B 107 -20.17 15.13 -21.85
C ASN B 107 -18.76 14.49 -21.82
N PRO B 108 -18.66 13.26 -22.30
CA PRO B 108 -17.42 12.53 -22.13
C PRO B 108 -16.28 13.22 -22.86
N LYS B 109 -15.11 13.12 -22.30
CA LYS B 109 -13.89 13.65 -22.83
C LYS B 109 -12.84 12.60 -22.70
N ILE B 110 -11.69 12.77 -23.33
CA ILE B 110 -10.54 11.92 -23.17
C ILE B 110 -9.86 12.23 -21.84
N MET B 111 -9.72 11.23 -20.99
CA MET B 111 -9.03 11.36 -19.71
CA MET B 111 -9.02 11.36 -19.69
C MET B 111 -7.75 10.50 -19.79
N ILE B 112 -6.61 11.13 -19.67
CA ILE B 112 -5.33 10.47 -19.88
C ILE B 112 -4.29 10.82 -18.82
N GLY B 113 -3.47 9.83 -18.53
CA GLY B 113 -2.34 10.03 -17.63
C GLY B 113 -1.84 8.65 -17.22
N TYR B 114 -0.94 8.60 -16.23
CA TYR B 114 -0.39 7.35 -15.80
C TYR B 114 0.04 7.43 -14.36
N ALA B 115 0.61 6.36 -13.83
CA ALA B 115 1.18 6.40 -12.47
C ALA B 115 0.06 6.66 -11.46
N ASP B 116 0.24 7.57 -10.53
CA ASP B 116 -0.78 7.88 -9.53
C ASP B 116 -2.09 8.28 -10.17
N ALA B 117 -2.11 8.84 -11.36
CA ALA B 117 -3.38 9.18 -11.99
C ALA B 117 -4.26 7.98 -12.30
N THR B 118 -3.73 6.77 -12.20
CA THR B 118 -4.51 5.56 -12.21
C THR B 118 -5.75 5.64 -11.32
N ALA B 119 -5.63 6.27 -10.14
CA ALA B 119 -6.75 6.36 -9.23
C ALA B 119 -7.95 6.99 -9.94
N LEU B 120 -7.69 8.05 -10.66
CA LEU B 120 -8.69 8.83 -11.39
C LEU B 120 -9.12 8.16 -12.63
N LEU B 121 -8.23 7.57 -13.38
CA LEU B 121 -8.61 6.88 -14.62
C LEU B 121 -9.52 5.75 -14.30
N LEU B 122 -9.19 4.94 -13.31
CA LEU B 122 -10.06 3.85 -12.89
C LEU B 122 -11.32 4.35 -12.23
N GLY B 123 -11.24 5.39 -11.38
CA GLY B 123 -12.46 5.89 -10.75
C GLY B 123 -13.46 6.39 -11.74
N ILE B 124 -13.00 7.14 -12.74
CA ILE B 124 -13.96 7.63 -13.69
CA ILE B 124 -13.90 7.64 -13.79
C ILE B 124 -14.53 6.49 -14.53
N TYR B 125 -13.75 5.53 -14.94
CA TYR B 125 -14.30 4.36 -15.61
C TYR B 125 -15.29 3.61 -14.72
N ALA B 126 -14.95 3.41 -13.46
CA ALA B 126 -15.86 2.72 -12.56
C ALA B 126 -17.19 3.41 -12.40
N LYS B 127 -17.17 4.74 -12.28
CA LYS B 127 -18.38 5.49 -12.00
C LYS B 127 -19.20 5.78 -13.23
N THR B 128 -18.60 5.86 -14.42
CA THR B 128 -19.27 6.29 -15.60
C THR B 128 -19.34 5.31 -16.73
N GLY B 129 -18.48 4.32 -16.73
CA GLY B 129 -18.38 3.26 -17.78
C GLY B 129 -17.68 3.76 -19.04
N ILE B 130 -17.19 4.97 -19.04
CA ILE B 130 -16.50 5.56 -20.18
C ILE B 130 -15.02 5.14 -20.14
N PRO B 131 -14.51 4.58 -21.25
CA PRO B 131 -13.06 4.23 -21.27
C PRO B 131 -12.21 5.42 -20.96
N THR B 132 -11.07 5.17 -20.28
CA THR B 132 -10.06 6.17 -20.00
C THR B 132 -8.74 5.60 -20.51
N PHE B 133 -7.70 6.43 -20.47
CA PHE B 133 -6.46 6.12 -21.20
C PHE B 133 -5.22 6.14 -20.33
N TYR B 134 -4.51 5.00 -20.30
CA TYR B 134 -3.20 4.91 -19.65
C TYR B 134 -2.19 5.34 -20.65
N GLY B 135 -1.63 6.51 -20.46
CA GLY B 135 -0.82 7.18 -21.46
C GLY B 135 -0.20 8.40 -20.91
N PRO B 136 0.30 9.28 -21.81
CA PRO B 136 1.10 10.41 -21.39
C PRO B 136 0.51 11.28 -20.35
N ALA B 137 1.38 11.69 -19.43
CA ALA B 137 1.18 12.87 -18.56
C ALA B 137 2.06 13.99 -19.09
N LEU B 138 1.67 15.23 -18.95
CA LEU B 138 2.27 16.30 -19.69
C LEU B 138 3.78 16.35 -19.47
N VAL B 139 4.20 16.52 -18.22
CA VAL B 139 5.56 16.82 -17.96
C VAL B 139 6.56 15.66 -18.17
N PRO B 140 6.33 14.48 -17.59
CA PRO B 140 7.26 13.37 -17.89
C PRO B 140 7.23 12.97 -19.35
N SER B 141 6.08 12.95 -19.98
CA SER B 141 5.96 12.31 -21.31
C SER B 141 6.30 13.27 -22.44
N PHE B 142 5.74 14.46 -22.40
CA PHE B 142 5.96 15.43 -23.45
C PHE B 142 7.07 16.42 -23.22
N GLY B 143 7.61 16.43 -22.00
CA GLY B 143 8.83 17.18 -21.73
C GLY B 143 10.11 16.40 -21.97
N GLU B 144 9.96 15.13 -22.33
CA GLU B 144 11.13 14.32 -22.74
C GLU B 144 11.80 14.95 -23.94
N PHE B 145 13.12 14.93 -24.00
CA PHE B 145 13.80 15.35 -25.20
C PHE B 145 13.70 14.30 -26.35
N GLU B 146 14.05 14.75 -27.55
CA GLU B 146 14.25 13.87 -28.67
C GLU B 146 15.33 12.90 -28.23
N PRO B 147 15.26 11.63 -28.73
CA PRO B 147 14.30 11.12 -29.73
C PRO B 147 13.02 10.57 -29.20
N PHE B 148 13.00 10.16 -27.95
CA PHE B 148 11.88 9.33 -27.48
C PHE B 148 10.54 10.01 -27.41
N VAL B 149 10.55 11.35 -27.17
CA VAL B 149 9.30 12.10 -27.17
C VAL B 149 8.52 11.86 -28.46
N ASP B 150 9.24 11.83 -29.58
CA ASP B 150 8.59 11.72 -30.88
C ASP B 150 7.83 10.42 -31.06
N ASP B 151 8.34 9.36 -30.44
CA ASP B 151 7.67 8.08 -30.52
C ASP B 151 6.47 8.00 -29.56
N THR B 152 6.62 8.58 -28.37
CA THR B 152 5.48 8.73 -27.52
C THR B 152 4.35 9.49 -28.24
N TYR B 153 4.70 10.55 -28.92
CA TYR B 153 3.73 11.40 -29.61
C TYR B 153 3.09 10.62 -30.74
N LYS B 154 3.83 9.83 -31.49
CA LYS B 154 3.25 9.02 -32.53
C LYS B 154 2.19 8.07 -31.98
N TYR B 155 2.48 7.41 -30.86
CA TYR B 155 1.56 6.52 -30.18
C TYR B 155 0.29 7.24 -29.71
N PHE B 156 0.47 8.45 -29.20
CA PHE B 156 -0.62 9.30 -28.72
C PHE B 156 -1.57 9.61 -29.83
N LEU B 157 -1.05 10.01 -30.98
CA LEU B 157 -1.90 10.21 -32.16
C LEU B 157 -2.62 8.95 -32.60
N GLU B 158 -1.92 7.84 -32.58
CA GLU B 158 -2.52 6.59 -33.06
C GLU B 158 -3.75 6.20 -32.23
N THR B 159 -3.71 6.38 -30.93
CA THR B 159 -4.84 6.01 -30.11
C THR B 159 -5.90 7.07 -30.08
N LEU B 160 -5.55 8.36 -30.03
CA LEU B 160 -6.50 9.38 -29.72
C LEU B 160 -7.03 10.17 -30.92
N LEU B 161 -6.25 10.26 -31.98
CA LEU B 161 -6.56 11.16 -33.06
C LEU B 161 -6.85 10.44 -34.37
N HIS B 162 -6.04 9.48 -34.75
CA HIS B 162 -6.24 8.75 -36.00
C HIS B 162 -7.53 8.00 -36.02
N ASP B 163 -8.08 7.91 -37.20
CA ASP B 163 -9.23 7.07 -37.44
C ASP B 163 -8.69 5.65 -37.52
N GLN B 164 -8.98 4.85 -36.53
CA GLN B 164 -8.46 3.49 -36.47
C GLN B 164 -9.54 2.48 -36.74
N ALA B 165 -9.27 1.60 -37.68
CA ALA B 165 -10.10 0.43 -37.88
C ALA B 165 -9.84 -0.65 -36.88
N LEU B 166 -10.86 -1.43 -36.60
CA LEU B 166 -10.73 -2.56 -35.70
C LEU B 166 -10.34 -3.80 -36.51
N PRO B 167 -9.51 -4.66 -35.96
CA PRO B 167 -8.84 -4.56 -34.65
C PRO B 167 -7.65 -3.60 -34.76
N TYR B 168 -7.30 -2.90 -33.67
CA TYR B 168 -6.26 -1.93 -33.60
C TYR B 168 -4.99 -2.55 -33.00
N ASN B 169 -3.96 -2.73 -33.85
CA ASN B 169 -2.74 -3.42 -33.46
C ASN B 169 -1.82 -2.45 -32.73
N ILE B 170 -1.37 -2.82 -31.53
CA ILE B 170 -0.45 -2.03 -30.72
C ILE B 170 0.96 -2.61 -30.91
N LYS B 171 1.81 -1.89 -31.57
CA LYS B 171 3.13 -2.37 -32.00
C LYS B 171 4.26 -1.95 -31.03
N GLN B 172 5.22 -2.83 -30.84
CA GLN B 172 6.35 -2.65 -29.96
C GLN B 172 7.33 -1.60 -30.54
N PRO B 173 7.80 -0.64 -29.76
CA PRO B 173 8.84 0.27 -30.24
C PRO B 173 10.18 -0.44 -30.49
N LEU B 174 11.00 0.09 -31.35
CA LEU B 174 12.26 -0.50 -31.62
C LEU B 174 13.23 -0.38 -30.45
N PHE B 175 13.23 0.77 -29.80
CA PHE B 175 14.16 1.09 -28.73
C PHE B 175 13.41 1.70 -27.56
N TRP B 176 14.01 1.62 -26.40
CA TRP B 176 13.47 2.22 -25.19
C TRP B 176 14.58 2.78 -24.32
N SER B 177 14.17 3.46 -23.25
CA SER B 177 15.06 3.93 -22.21
C SER B 177 14.39 4.14 -20.92
N ASP B 178 15.07 3.86 -19.83
CA ASP B 178 14.67 4.27 -18.49
C ASP B 178 15.71 5.11 -17.80
N GLU B 179 16.61 5.69 -18.57
CA GLU B 179 17.82 6.28 -18.03
C GLU B 179 17.48 7.49 -17.22
N PHE B 180 18.15 7.66 -16.11
CA PHE B 180 17.83 8.68 -15.15
C PHE B 180 18.71 9.95 -15.47
N ILE B 181 18.46 10.55 -16.63
CA ILE B 181 19.19 11.72 -17.05
C ILE B 181 18.18 12.63 -17.81
N ASN B 182 18.62 13.83 -18.09
CA ASN B 182 17.94 14.74 -19.04
C ASN B 182 16.54 15.13 -18.54
N TRP B 183 16.41 15.44 -17.25
CA TRP B 183 15.08 15.81 -16.69
C TRP B 183 14.74 17.22 -17.00
N GLU B 184 15.47 18.20 -16.45
CA GLU B 184 15.27 19.58 -16.81
C GLU B 184 16.08 20.04 -18.01
N GLU B 185 17.34 19.60 -18.05
CA GLU B 185 18.27 19.99 -19.08
C GLU B 185 18.93 18.72 -19.67
N LYS B 186 19.26 18.75 -20.96
CA LYS B 186 19.87 17.64 -21.62
C LYS B 186 21.36 17.74 -21.47
N THR B 187 21.98 16.64 -21.05
CA THR B 187 23.42 16.51 -20.95
C THR B 187 24.08 15.53 -21.88
N LYS B 188 23.38 14.48 -22.33
CA LYS B 188 24.00 13.49 -23.23
C LYS B 188 22.80 12.85 -23.90
N GLU B 189 23.00 12.10 -24.95
CA GLU B 189 21.97 11.30 -25.55
C GLU B 189 21.71 10.12 -24.65
N LYS B 190 20.45 9.76 -24.45
CA LYS B 190 20.09 8.49 -23.79
C LYS B 190 20.48 7.31 -24.63
N GLU B 191 21.03 6.28 -24.00
N GLU B 191 21.02 6.28 -23.98
CA GLU B 191 21.41 5.07 -24.75
CA GLU B 191 21.37 5.03 -24.68
C GLU B 191 20.13 4.45 -25.30
C GLU B 191 20.09 4.47 -25.29
N LEU B 192 20.19 3.97 -26.53
CA LEU B 192 19.08 3.26 -27.15
C LEU B 192 19.15 1.82 -26.72
N ARG B 193 18.14 1.39 -26.00
CA ARG B 193 18.06 0.00 -25.55
C ARG B 193 17.23 -0.83 -26.56
N PRO B 194 17.78 -1.87 -27.23
CA PRO B 194 16.95 -2.63 -28.15
C PRO B 194 15.83 -3.27 -27.37
N ASN B 195 14.68 -3.32 -27.98
CA ASN B 195 13.48 -3.78 -27.29
C ASN B 195 13.20 -5.22 -27.51
N ASN B 196 12.45 -5.78 -26.53
CA ASN B 196 11.80 -7.04 -26.68
C ASN B 196 10.62 -7.03 -25.74
N TRP B 197 9.50 -7.57 -26.16
CA TRP B 197 8.46 -7.99 -25.26
C TRP B 197 8.73 -9.45 -24.93
N ILE B 198 8.41 -9.86 -23.74
CA ILE B 198 8.83 -11.18 -23.20
C ILE B 198 7.64 -12.14 -23.10
N SER B 199 7.74 -13.28 -23.79
CA SER B 199 6.75 -14.36 -23.66
C SER B 199 7.04 -15.14 -22.39
N VAL B 200 6.61 -14.63 -21.28
CA VAL B 200 6.91 -15.29 -20.00
C VAL B 200 6.18 -16.64 -19.85
N THR B 201 4.88 -16.55 -20.17
CA THR B 201 4.03 -17.77 -20.19
C THR B 201 3.22 -17.71 -21.42
N ASN B 202 3.38 -18.71 -22.26
CA ASN B 202 2.76 -18.75 -23.56
C ASN B 202 1.27 -18.84 -23.42
N GLY B 203 0.59 -18.34 -24.47
CA GLY B 203 -0.87 -18.50 -24.55
C GLY B 203 -1.50 -17.23 -25.05
N GLN B 204 -2.82 -17.29 -25.16
CA GLN B 204 -3.63 -16.23 -25.73
C GLN B 204 -4.80 -15.98 -24.81
N ALA B 205 -5.32 -14.76 -24.85
CA ALA B 205 -6.49 -14.38 -24.10
C ALA B 205 -7.19 -13.22 -24.75
N THR B 206 -8.52 -13.19 -24.61
CA THR B 206 -9.33 -12.07 -25.08
C THR B 206 -10.26 -11.70 -23.95
N GLY B 207 -10.30 -10.43 -23.56
CA GLY B 207 -11.18 -10.00 -22.54
C GLY B 207 -11.06 -8.48 -22.32
N ARG B 208 -11.87 -7.90 -21.46
CA ARG B 208 -11.81 -6.53 -21.08
C ARG B 208 -10.53 -6.28 -20.33
N VAL B 209 -9.76 -5.25 -20.73
CA VAL B 209 -8.55 -4.86 -20.04
C VAL B 209 -8.85 -3.89 -18.89
N ILE B 210 -8.27 -4.22 -17.75
CA ILE B 210 -8.40 -3.41 -16.57
C ILE B 210 -7.04 -3.35 -15.87
N GLY B 211 -6.68 -2.18 -15.39
CA GLY B 211 -5.44 -2.01 -14.63
C GLY B 211 -4.84 -0.66 -14.82
N GLY B 212 -3.54 -0.63 -14.65
CA GLY B 212 -2.72 0.59 -14.59
C GLY B 212 -1.59 0.38 -13.64
N ASN B 213 -1.30 1.44 -12.87
CA ASN B 213 -0.22 1.37 -11.94
C ASN B 213 -0.62 0.55 -10.72
N LEU B 214 0.06 -0.56 -10.47
CA LEU B 214 -0.35 -1.47 -9.43
C LEU B 214 -0.25 -0.88 -8.02
N ASN B 215 0.83 -0.20 -7.75
CA ASN B 215 1.02 0.41 -6.41
C ASN B 215 -0.21 1.30 -6.12
N THR B 216 -0.62 2.08 -7.12
CA THR B 216 -1.73 3.00 -6.97
C THR B 216 -3.06 2.31 -6.77
N ILE B 217 -3.25 1.17 -7.42
CA ILE B 217 -4.48 0.39 -7.25
C ILE B 217 -4.69 0.04 -5.80
N GLN B 218 -3.64 -0.19 -5.03
CA GLN B 218 -3.80 -0.52 -3.64
C GLN B 218 -4.33 0.64 -2.81
N GLY B 219 -4.36 1.85 -3.31
CA GLY B 219 -4.97 3.00 -2.68
C GLY B 219 -6.46 3.19 -2.96
N ILE B 220 -7.02 2.42 -3.91
CA ILE B 220 -8.42 2.50 -4.25
C ILE B 220 -9.17 1.17 -4.16
N TRP B 221 -8.44 0.10 -3.90
CA TRP B 221 -9.03 -1.25 -3.88
C TRP B 221 -10.14 -1.32 -2.87
N GLY B 222 -11.24 -1.96 -3.27
CA GLY B 222 -12.41 -2.19 -2.44
C GLY B 222 -13.42 -1.12 -2.44
N SER B 223 -13.08 0.04 -3.02
CA SER B 223 -13.93 1.21 -3.01
C SER B 223 -14.85 1.23 -4.20
N PRO B 224 -15.81 2.15 -4.27
CA PRO B 224 -16.62 2.32 -5.46
C PRO B 224 -15.87 2.80 -6.69
N TYR B 225 -14.66 3.22 -6.51
CA TYR B 225 -13.84 3.81 -7.56
C TYR B 225 -12.93 2.77 -8.23
N MET B 226 -12.92 1.54 -7.69
CA MET B 226 -12.15 0.42 -8.31
C MET B 226 -13.15 -0.40 -9.10
N PRO B 227 -13.00 -0.49 -10.44
CA PRO B 227 -13.89 -1.35 -11.18
C PRO B 227 -13.67 -2.80 -10.72
N CYS B 228 -14.79 -3.51 -10.58
CA CYS B 228 -14.68 -4.91 -10.15
CA CYS B 228 -14.77 -4.92 -10.20
C CYS B 228 -14.03 -5.69 -11.27
N ILE B 229 -13.05 -6.50 -10.90
CA ILE B 229 -12.38 -7.51 -11.78
CA ILE B 229 -12.43 -7.42 -11.89
C ILE B 229 -13.35 -8.64 -12.04
N GLN B 230 -13.59 -8.99 -13.27
CA GLN B 230 -14.54 -10.02 -13.61
C GLN B 230 -13.78 -11.21 -14.28
N GLU B 231 -14.42 -12.37 -14.21
CA GLU B 231 -13.90 -13.53 -14.87
C GLU B 231 -13.61 -13.20 -16.32
N GLY B 232 -12.44 -13.56 -16.79
CA GLY B 232 -12.04 -13.35 -18.15
C GLY B 232 -11.39 -12.06 -18.46
N ASP B 233 -11.35 -11.11 -17.57
CA ASP B 233 -10.65 -9.87 -17.81
C ASP B 233 -9.16 -10.12 -18.09
N ILE B 234 -8.51 -9.22 -18.80
CA ILE B 234 -7.11 -9.17 -18.95
C ILE B 234 -6.60 -8.12 -17.98
N LEU B 235 -5.61 -8.49 -17.17
CA LEU B 235 -5.01 -7.58 -16.18
C LEU B 235 -3.81 -6.91 -16.80
N PHE B 236 -3.82 -5.62 -16.83
CA PHE B 236 -2.69 -4.81 -17.25
C PHE B 236 -2.15 -4.15 -15.98
N ILE B 237 -0.89 -4.42 -15.67
CA ILE B 237 -0.24 -3.85 -14.48
C ILE B 237 1.15 -3.37 -14.82
N GLU B 238 1.55 -2.26 -14.18
CA GLU B 238 2.93 -1.81 -14.15
C GLU B 238 3.27 -1.22 -12.84
N ASP B 239 4.50 -1.35 -12.42
CA ASP B 239 5.09 -0.53 -11.41
C ASP B 239 6.38 0.08 -11.96
N SER B 240 6.78 1.21 -11.37
CA SER B 240 7.88 2.02 -11.76
C SER B 240 8.66 2.49 -10.55
N SER B 241 9.98 2.46 -10.67
CA SER B 241 10.89 3.01 -9.65
C SER B 241 10.59 2.45 -8.22
N LYS B 242 10.37 1.16 -8.14
N LYS B 242 10.28 1.17 -8.13
CA LYS B 242 10.18 0.43 -6.90
CA LYS B 242 10.11 0.43 -6.88
C LYS B 242 11.15 -0.73 -6.88
C LYS B 242 11.23 -0.60 -6.74
N ASP B 243 10.98 -1.60 -5.92
CA ASP B 243 11.95 -2.61 -5.57
C ASP B 243 11.25 -3.96 -5.46
N ALA B 244 12.08 -4.99 -5.31
CA ALA B 244 11.55 -6.38 -5.29
C ALA B 244 10.61 -6.62 -4.12
N ALA B 245 10.89 -6.05 -2.96
CA ALA B 245 10.07 -6.26 -1.80
C ALA B 245 8.70 -5.65 -2.05
N THR B 246 8.67 -4.42 -2.57
CA THR B 246 7.38 -3.74 -2.82
C THR B 246 6.51 -4.52 -3.84
N ILE B 247 7.12 -4.95 -4.93
CA ILE B 247 6.32 -5.60 -5.92
C ILE B 247 5.89 -7.02 -5.48
N GLU B 248 6.71 -7.73 -4.68
CA GLU B 248 6.23 -8.99 -4.14
C GLU B 248 4.97 -8.73 -3.34
N ARG B 249 4.96 -7.69 -2.53
CA ARG B 249 3.76 -7.41 -1.71
CA ARG B 249 3.76 -7.38 -1.71
C ARG B 249 2.57 -7.13 -2.60
N SER B 250 2.75 -6.39 -3.65
CA SER B 250 1.65 -6.07 -4.55
C SER B 250 1.14 -7.32 -5.33
N PHE B 251 2.03 -8.16 -5.80
CA PHE B 251 1.62 -9.36 -6.49
C PHE B 251 0.89 -10.26 -5.52
N SER B 252 1.37 -10.45 -4.31
CA SER B 252 0.69 -11.25 -3.35
C SER B 252 -0.67 -10.68 -2.95
N PHE B 253 -0.79 -9.38 -2.90
CA PHE B 253 -2.07 -8.69 -2.68
C PHE B 253 -3.09 -9.12 -3.77
N LEU B 254 -2.68 -9.14 -5.02
CA LEU B 254 -3.57 -9.62 -6.09
C LEU B 254 -3.94 -11.08 -5.87
N LYS B 255 -2.94 -11.91 -5.54
CA LYS B 255 -3.15 -13.32 -5.37
C LYS B 255 -4.17 -13.62 -4.27
N ILE B 256 -4.01 -13.02 -3.11
CA ILE B 256 -4.92 -13.31 -2.01
C ILE B 256 -6.29 -12.71 -2.17
N ASN B 257 -6.40 -11.76 -3.09
CA ASN B 257 -7.69 -11.24 -3.51
C ASN B 257 -8.37 -12.05 -4.62
N GLY B 258 -7.77 -13.16 -5.03
CA GLY B 258 -8.40 -14.00 -6.03
C GLY B 258 -8.33 -13.51 -7.43
N VAL B 259 -7.52 -12.47 -7.68
CA VAL B 259 -7.47 -11.88 -9.01
C VAL B 259 -7.00 -12.89 -10.04
N PHE B 260 -5.99 -13.65 -9.69
CA PHE B 260 -5.43 -14.65 -10.63
C PHE B 260 -6.34 -15.82 -10.86
N ASP B 261 -7.36 -16.04 -10.07
CA ASP B 261 -8.41 -17.01 -10.36
C ASP B 261 -9.42 -16.49 -11.40
N LYS B 262 -9.47 -15.18 -11.60
CA LYS B 262 -10.41 -14.56 -12.53
C LYS B 262 -9.84 -14.23 -13.87
N VAL B 263 -8.63 -13.66 -13.89
CA VAL B 263 -8.14 -13.08 -15.14
C VAL B 263 -7.73 -14.15 -16.14
N SER B 264 -7.87 -13.83 -17.43
CA SER B 264 -7.48 -14.75 -18.50
C SER B 264 -6.03 -14.54 -18.99
N GLY B 265 -5.46 -13.39 -18.67
CA GLY B 265 -4.12 -13.08 -19.10
C GLY B 265 -3.62 -11.86 -18.37
N ILE B 266 -2.29 -11.71 -18.43
CA ILE B 266 -1.63 -10.59 -17.75
C ILE B 266 -0.66 -9.91 -18.74
N ILE B 267 -0.74 -8.58 -18.79
CA ILE B 267 0.26 -7.73 -19.45
C ILE B 267 0.98 -6.98 -18.41
N LEU B 268 2.29 -7.16 -18.33
CA LEU B 268 3.14 -6.53 -17.30
C LEU B 268 4.03 -5.51 -18.02
N GLY B 269 3.95 -4.25 -17.57
CA GLY B 269 4.83 -3.21 -18.08
C GLY B 269 6.26 -3.39 -17.69
N LYS B 270 7.16 -2.71 -18.41
CA LYS B 270 8.56 -2.56 -17.94
C LYS B 270 8.51 -1.88 -16.54
N HIS B 271 9.61 -2.06 -15.83
CA HIS B 271 9.76 -1.50 -14.50
C HIS B 271 10.96 -0.56 -14.49
N GLU B 272 10.69 0.71 -14.70
CA GLU B 272 11.72 1.75 -14.75
C GLU B 272 12.61 1.65 -13.51
N GLN B 273 13.93 1.65 -13.69
CA GLN B 273 14.84 1.74 -12.58
C GLN B 273 14.59 0.72 -11.47
N PHE B 274 14.13 -0.45 -11.88
CA PHE B 274 13.82 -1.49 -10.89
C PHE B 274 15.00 -1.73 -9.96
N ASP B 275 14.77 -1.79 -8.67
CA ASP B 275 15.76 -2.21 -7.67
C ASP B 275 15.47 -3.65 -7.28
N ASP B 276 16.30 -4.55 -7.76
CA ASP B 276 16.13 -5.98 -7.53
C ASP B 276 16.69 -6.43 -6.16
N CYS B 277 17.15 -5.50 -5.33
CA CYS B 277 17.62 -5.73 -3.95
C CYS B 277 18.76 -6.70 -3.96
N GLY B 278 19.48 -6.83 -5.04
CA GLY B 278 20.67 -7.75 -5.14
C GLY B 278 20.34 -9.12 -5.65
N THR B 279 19.07 -9.40 -5.92
CA THR B 279 18.64 -10.77 -6.22
C THR B 279 18.94 -11.20 -7.67
N ASN B 280 19.12 -10.21 -8.57
CA ASN B 280 19.20 -10.45 -10.01
C ASN B 280 17.95 -11.07 -10.59
N ARG B 281 16.82 -10.91 -9.90
CA ARG B 281 15.54 -11.39 -10.39
C ARG B 281 14.83 -10.31 -11.16
N LYS B 282 14.10 -10.64 -12.20
CA LYS B 282 13.24 -9.72 -12.91
C LYS B 282 11.88 -9.62 -12.24
N PRO B 283 11.16 -8.54 -12.45
CA PRO B 283 9.82 -8.45 -11.94
C PRO B 283 8.95 -9.62 -12.28
N TYR B 284 8.99 -10.10 -13.53
CA TYR B 284 8.12 -11.22 -13.92
C TYR B 284 8.44 -12.46 -13.15
N GLU B 285 9.71 -12.64 -12.72
CA GLU B 285 10.09 -13.83 -12.01
C GLU B 285 9.46 -13.87 -10.62
N ILE B 286 9.38 -12.69 -10.00
CA ILE B 286 8.73 -12.57 -8.71
C ILE B 286 7.23 -12.83 -8.82
N LEU B 287 6.60 -12.33 -9.89
CA LEU B 287 5.23 -12.67 -10.18
C LEU B 287 5.03 -14.14 -10.40
N LEU B 288 5.93 -14.79 -11.16
CA LEU B 288 5.87 -16.24 -11.32
C LEU B 288 5.92 -16.97 -10.00
N GLU B 289 6.77 -16.56 -9.07
CA GLU B 289 6.79 -17.25 -7.77
C GLU B 289 5.42 -17.13 -7.10
N VAL B 290 4.88 -15.91 -7.08
CA VAL B 290 3.56 -15.71 -6.48
C VAL B 290 2.50 -16.58 -7.12
N LEU B 291 2.55 -16.70 -8.44
CA LEU B 291 1.56 -17.48 -9.17
C LEU B 291 1.66 -18.99 -8.90
N GLN B 292 2.78 -19.48 -8.44
CA GLN B 292 2.92 -20.91 -8.06
C GLN B 292 2.50 -21.87 -9.14
N ASN B 293 2.94 -21.60 -10.33
CA ASN B 293 2.65 -22.52 -11.49
C ASN B 293 1.22 -22.51 -12.02
N GLN B 294 0.42 -21.53 -11.59
CA GLN B 294 -0.86 -21.31 -12.18
C GLN B 294 -0.61 -20.76 -13.59
N ARG B 295 -1.08 -21.45 -14.59
CA ARG B 295 -0.73 -21.12 -15.97
C ARG B 295 -1.72 -20.02 -16.47
N ILE B 296 -1.23 -18.83 -16.43
CA ILE B 296 -1.89 -17.68 -16.97
C ILE B 296 -0.97 -17.07 -18.05
N PRO B 297 -1.43 -16.90 -19.30
CA PRO B 297 -0.63 -16.19 -20.31
C PRO B 297 -0.13 -14.86 -19.78
N LEU B 298 1.15 -14.60 -19.99
CA LEU B 298 1.83 -13.47 -19.40
C LEU B 298 2.86 -12.91 -20.39
N LEU B 299 2.62 -11.68 -20.80
CA LEU B 299 3.45 -10.91 -21.72
C LEU B 299 4.04 -9.81 -20.90
N ALA B 300 5.38 -9.72 -20.84
CA ALA B 300 6.05 -8.75 -19.99
C ALA B 300 6.92 -7.75 -20.80
N ASP B 301 7.36 -6.76 -20.08
CA ASP B 301 8.15 -5.64 -20.67
C ASP B 301 7.35 -4.84 -21.66
N PHE B 302 6.06 -4.75 -21.40
CA PHE B 302 5.17 -3.93 -22.26
C PHE B 302 5.48 -2.45 -22.06
N ASP B 303 5.54 -1.68 -23.17
CA ASP B 303 5.95 -0.23 -23.17
C ASP B 303 4.79 0.68 -22.88
N CYS B 304 4.16 0.55 -21.73
CA CYS B 304 3.10 1.43 -21.28
C CYS B 304 3.26 1.62 -19.79
N CYS B 305 4.20 2.50 -19.42
CA CYS B 305 4.72 2.63 -18.10
C CYS B 305 5.59 3.88 -18.09
N ALA B 306 6.49 4.03 -17.12
CA ALA B 306 7.36 5.22 -17.02
C ALA B 306 8.57 5.18 -17.91
N THR B 307 8.87 4.06 -18.57
CA THR B 307 9.98 4.03 -19.55
C THR B 307 9.53 4.80 -20.81
N HIS B 308 10.48 5.21 -21.60
CA HIS B 308 10.25 5.92 -22.84
C HIS B 308 10.56 5.03 -24.02
N PRO B 309 9.79 5.04 -25.11
CA PRO B 309 8.52 5.76 -25.33
C PRO B 309 7.37 5.04 -24.69
N MET B 310 6.22 5.71 -24.62
CA MET B 310 5.01 5.19 -24.08
C MET B 310 3.90 5.05 -25.07
N ILE B 311 3.23 3.91 -25.03
CA ILE B 311 1.98 3.63 -25.76
C ILE B 311 0.86 4.31 -24.99
N THR B 312 -0.17 4.72 -25.71
CA THR B 312 -1.44 5.13 -25.09
C THR B 312 -2.43 3.99 -25.20
N MET B 313 -2.79 3.47 -24.05
CA MET B 313 -3.63 2.31 -23.96
C MET B 313 -5.03 2.67 -23.42
N PRO B 314 -6.09 2.28 -24.26
CA PRO B 314 -7.46 2.37 -23.68
C PRO B 314 -7.66 1.35 -22.58
N ILE B 315 -8.38 1.74 -21.56
CA ILE B 315 -8.71 0.89 -20.46
C ILE B 315 -10.24 0.67 -20.42
N GLY B 316 -10.68 -0.58 -20.18
CA GLY B 316 -12.11 -0.83 -20.07
C GLY B 316 -12.74 -1.37 -21.31
N VAL B 317 -11.96 -1.73 -22.30
CA VAL B 317 -12.44 -2.25 -23.57
C VAL B 317 -11.83 -3.63 -23.81
N GLN B 318 -12.46 -4.35 -24.74
CA GLN B 318 -11.97 -5.66 -25.14
C GLN B 318 -10.66 -5.62 -25.86
N VAL B 319 -9.75 -6.50 -25.47
CA VAL B 319 -8.43 -6.64 -25.99
C VAL B 319 -8.19 -8.11 -26.28
N LYS B 320 -7.38 -8.38 -27.27
CA LYS B 320 -6.81 -9.71 -27.50
CA LYS B 320 -6.83 -9.69 -27.59
C LYS B 320 -5.34 -9.64 -27.39
N MET B 321 -4.79 -10.52 -26.56
CA MET B 321 -3.37 -10.65 -26.35
C MET B 321 -2.87 -11.99 -26.75
N ASP B 322 -1.69 -12.05 -27.31
CA ASP B 322 -1.01 -13.28 -27.63
C ASP B 322 0.36 -13.16 -26.99
N ALA B 323 0.56 -13.79 -25.87
CA ALA B 323 1.85 -13.78 -25.20
C ALA B 323 2.93 -14.52 -25.95
N THR B 324 2.55 -15.58 -26.66
CA THR B 324 3.48 -16.39 -27.41
C THR B 324 4.07 -15.60 -28.57
N ASN B 325 3.17 -15.00 -29.38
CA ASN B 325 3.56 -14.28 -30.57
C ASN B 325 3.69 -12.76 -30.38
N LYS B 326 3.55 -12.31 -29.13
CA LYS B 326 3.82 -10.96 -28.69
C LYS B 326 2.99 -9.89 -29.41
N THR B 327 1.70 -10.06 -29.36
CA THR B 327 0.78 -9.13 -30.00
C THR B 327 -0.31 -8.69 -29.01
N ILE B 328 -0.76 -7.47 -29.17
CA ILE B 328 -1.85 -6.86 -28.48
C ILE B 328 -2.72 -6.12 -29.51
N HIS B 329 -4.02 -6.45 -29.54
CA HIS B 329 -4.99 -5.76 -30.39
C HIS B 329 -6.15 -5.28 -29.56
N ILE B 330 -6.64 -4.09 -29.86
CA ILE B 330 -7.81 -3.52 -29.24
C ILE B 330 -8.98 -3.91 -30.14
N LEU B 331 -10.02 -4.58 -29.59
CA LEU B 331 -11.10 -5.13 -30.38
C LEU B 331 -12.41 -4.37 -30.37
N GLU B 332 -12.52 -3.40 -29.51
CA GLU B 332 -13.77 -2.67 -29.23
C GLU B 332 -13.47 -1.17 -29.40
N LYS B 333 -14.37 -0.41 -30.01
CA LYS B 333 -14.22 1.04 -30.16
C LYS B 333 -14.07 1.70 -28.82
N TRP B 334 -13.19 2.69 -28.76
CA TRP B 334 -12.85 3.45 -27.55
C TRP B 334 -13.06 4.95 -27.67
N LYS B 335 -13.42 5.43 -28.86
CA LYS B 335 -13.65 6.82 -29.13
C LYS B 335 -14.53 6.94 -30.35
N ILE B 336 -15.07 8.12 -30.55
CA ILE B 336 -15.87 8.42 -31.74
C ILE B 336 -14.87 8.99 -32.81
N A5A C . 13.04 -3.00 6.54
CA A5A C . 12.59 -3.90 7.57
CB A5A C . 13.67 -4.50 8.37
C A5A C . 11.76 -2.98 8.59
O A5A C . 11.76 -1.65 8.69
N3S A5A C . 11.03 -3.82 9.46
S A5A C . 10.12 -3.16 10.46
O1S A5A C . 9.27 -2.08 9.92
O2S A5A C . 9.31 -4.14 11.17
O5' A5A C . 11.13 -2.57 11.50
C5' A5A C . 10.63 -2.19 12.78
C4' A5A C . 11.40 -1.03 13.31
O4' A5A C . 12.74 -1.53 13.52
C3' A5A C . 11.57 0.20 12.44
O3' A5A C . 10.44 1.02 12.30
C2' A5A C . 12.81 0.82 13.05
O2' A5A C . 12.39 1.34 14.36
C1' A5A C . 13.58 -0.42 13.32
N9 A5A C . 14.60 -0.83 12.30
C8 A5A C . 14.48 -1.85 11.44
N7 A5A C . 15.66 -2.02 10.80
C5 A5A C . 16.52 -1.06 11.22
C6 A5A C . 17.88 -0.72 10.95
N6 A5A C . 18.59 -1.44 10.06
N1 A5A C . 18.37 0.30 11.65
C2 A5A C . 17.67 0.98 12.52
N3 A5A C . 16.39 0.71 12.85
C4 A5A C . 15.84 -0.30 12.18
C1 GOL D . -5.95 -4.20 -39.00
O1 GOL D . -6.67 -3.08 -38.45
C2 GOL D . -4.77 -4.52 -38.09
O2 GOL D . -3.70 -3.58 -38.39
C3 GOL D . -4.33 -5.97 -38.34
O3 GOL D . -3.39 -6.44 -37.34
N A5A E . 7.14 12.08 -7.02
CA A5A E . 6.25 12.36 -8.21
CB A5A E . 6.66 13.58 -8.89
C A5A E . 6.46 11.15 -9.23
O A5A E . 7.49 10.24 -9.32
N3S A5A E . 5.43 11.29 -10.19
S A5A E . 5.30 10.20 -11.21
O1S A5A E . 5.42 8.81 -10.66
O2S A5A E . 4.11 10.29 -12.04
O5' A5A E . 6.50 10.50 -12.15
C5' A5A E . 6.43 9.91 -13.50
C4' A5A E . 7.88 9.73 -13.95
O4' A5A E . 8.50 11.01 -14.03
C3' A5A E . 8.79 8.95 -13.00
O3' A5A E . 8.59 7.49 -12.90
C2' A5A E . 10.09 9.36 -13.52
O2' A5A E . 10.17 8.69 -14.84
C1' A5A E . 9.86 10.82 -13.77
N9 A5A E . 10.17 11.79 -12.67
C8 A5A E . 9.28 12.42 -11.89
N7 A5A E . 9.91 13.37 -11.17
C5 A5A E . 11.23 13.36 -11.53
C6 A5A E . 12.45 14.09 -11.19
N6 A5A E . 12.33 15.01 -10.28
N1 A5A E . 13.57 13.73 -11.84
C2 A5A E . 13.64 12.73 -12.72
N3 A5A E . 12.59 12.07 -13.09
C4 A5A E . 11.38 12.33 -12.52
#